data_3CB5
#
_entry.id   3CB5
#
_cell.length_a   97.070
_cell.length_b   101.650
_cell.length_c   103.510
_cell.angle_alpha   90.00
_cell.angle_beta   90.00
_cell.angle_gamma   90.00
#
_symmetry.space_group_name_H-M   'P 21 21 21'
#
loop_
_entity.id
_entity.type
_entity.pdbx_description
1 polymer 'FACT complex subunit spt16'
2 non-polymer 2-[3-(2-HYDROXY-1,1-DIHYDROXYMETHYL-ETHYLAMINO)-PROPYLAMINO]-2-HYDROXYMETHYL-PROPANE-1,3-DIOL
3 water water
#
_entity_poly.entity_id   1
_entity_poly.type   'polypeptide(L)'
_entity_poly.pdbx_seq_one_letter_code
;GA(MSE)AEYEIDEITFHKRLGILLTSWKNEEDGKTLFQDCDSILVTVGAHDDTNPYQKSTALHTWLLGYEFPSTLILLE
KHRITILTSVNKAN(MSE)LTKLAETKGAAADVNILKRTKDAEENKKLFEKIIEYIRATNKKVGVFPKDKTQGKFINEWD
SIFEPVKSEFNLVDASLGLAKCLAIKDEQELANIKGASRVSVAV(MSE)SKYFVDELSTYIDQGKKITHSKFSDQ(MSE)
ESLIDNEAFFQTKSLKLGDIDLDQLEWCYTPIIQSGGSYDLKPSAITDDRNLHGDVVLCSLGFRYKSYCSNVGRTYLFDP
DSEQQKNYSFLVALQKKLFEYCRDGAVIGDIYTKILGLIRAKRPDLEPNFVRNLGAGIGIEFRESSLLVNAKNPRVLQAG
(MSE)TLNLSIGFGNLINPHPKNSQSKEYALLLIDTIQITRSDPIVFTDSPKAQGDISYFFGED
;
_entity_poly.pdbx_strand_id   A,B
#
loop_
_chem_comp.id
_chem_comp.type
_chem_comp.name
_chem_comp.formula
B3P non-polymer 2-[3-(2-HYDROXY-1,1-DIHYDROXYMETHYL-ETHYLAMINO)-PROPYLAMINO]-2-HYDROXYMETHYL-PROPANE-1,3-DIOL 'C11 H26 N2 O6'
#
# COMPACT_ATOMS: atom_id res chain seq x y z
N GLY A 1 -9.01 -4.90 5.35
CA GLY A 1 -8.39 -3.58 5.06
C GLY A 1 -7.59 -3.56 3.78
N ALA A 2 -8.10 -2.79 2.82
CA ALA A 2 -7.51 -2.71 1.48
C ALA A 2 -7.66 -4.06 0.80
N MSE A 3 -8.73 -4.77 1.19
CA MSE A 3 -9.10 -6.04 0.55
C MSE A 3 -9.57 -5.85 -0.87
O MSE A 3 -10.54 -5.15 -1.13
CB MSE A 3 -10.20 -6.79 1.29
CG MSE A 3 -11.03 -7.61 0.31
SE MSE A 3 -12.13 -8.95 1.22
CE MSE A 3 -10.93 -10.49 1.03
N ALA A 4 -8.89 -6.56 -1.75
CA ALA A 4 -9.11 -6.42 -3.17
C ALA A 4 -10.11 -7.41 -3.73
N GLU A 5 -10.55 -7.04 -4.92
CA GLU A 5 -11.36 -7.88 -5.79
C GLU A 5 -10.43 -8.47 -6.80
N TYR A 6 -10.53 -9.78 -6.92
CA TYR A 6 -9.80 -10.54 -7.91
C TYR A 6 -10.79 -11.17 -8.88
N GLU A 7 -10.63 -10.85 -10.16
CA GLU A 7 -11.36 -11.55 -11.21
C GLU A 7 -10.40 -12.48 -11.93
N ILE A 8 -10.50 -13.76 -11.60
CA ILE A 8 -9.70 -14.77 -12.27
C ILE A 8 -10.35 -15.12 -13.61
N ASP A 9 -9.61 -14.83 -14.67
CA ASP A 9 -10.15 -14.92 -16.03
C ASP A 9 -9.85 -16.25 -16.66
N GLU A 10 -10.83 -17.13 -16.59
CA GLU A 10 -10.58 -18.51 -16.97
C GLU A 10 -10.24 -18.66 -18.44
N ILE A 11 -10.82 -17.80 -19.26
CA ILE A 11 -10.64 -17.83 -20.72
C ILE A 11 -9.21 -17.52 -21.08
N THR A 12 -8.69 -16.44 -20.50
CA THR A 12 -7.33 -15.99 -20.77
C THR A 12 -6.31 -16.96 -20.23
N PHE A 13 -6.65 -17.63 -19.14
CA PHE A 13 -5.75 -18.63 -18.54
C PHE A 13 -5.50 -19.79 -19.49
N HIS A 14 -6.58 -20.30 -20.08
CA HIS A 14 -6.46 -21.42 -20.97
C HIS A 14 -5.93 -21.03 -22.34
N LYS A 15 -6.26 -19.83 -22.79
CA LYS A 15 -5.72 -19.29 -24.04
C LYS A 15 -4.23 -19.29 -23.95
N ARG A 16 -3.76 -18.65 -22.90
CA ARG A 16 -2.33 -18.50 -22.66
C ARG A 16 -1.59 -19.81 -22.31
N LEU A 17 -2.25 -20.67 -21.56
CA LEU A 17 -1.65 -21.98 -21.22
C LEU A 17 -1.43 -22.77 -22.49
N GLY A 18 -2.38 -22.65 -23.39
CA GLY A 18 -2.36 -23.37 -24.64
C GLY A 18 -1.28 -22.86 -25.59
N ILE A 19 -1.02 -21.54 -25.53
CA ILE A 19 0.06 -20.93 -26.28
C ILE A 19 1.35 -21.59 -25.80
N LEU A 20 1.47 -21.71 -24.49
CA LEU A 20 2.70 -22.26 -23.90
C LEU A 20 2.87 -23.72 -24.31
N LEU A 21 1.77 -24.45 -24.23
CA LEU A 21 1.77 -25.91 -24.50
C LEU A 21 2.02 -26.21 -25.95
N THR A 22 1.59 -25.33 -26.81
CA THR A 22 1.70 -25.57 -28.25
C THR A 22 3.18 -25.54 -28.58
N SER A 23 3.84 -24.55 -28.03
CA SER A 23 5.30 -24.36 -28.21
C SER A 23 6.10 -25.50 -27.58
N TRP A 24 5.75 -25.85 -26.35
CA TRP A 24 6.44 -26.99 -25.65
C TRP A 24 6.31 -28.31 -26.42
N LYS A 25 5.17 -28.46 -27.08
CA LYS A 25 4.87 -29.72 -27.81
C LYS A 25 5.41 -29.70 -29.22
N ASN A 26 5.88 -28.53 -29.64
CA ASN A 26 6.63 -28.39 -30.89
C ASN A 26 8.01 -29.06 -30.75
N GLU A 27 8.32 -29.92 -31.69
CA GLU A 27 9.55 -30.70 -31.57
C GLU A 27 10.77 -29.80 -31.38
N GLU A 28 10.80 -28.71 -32.16
CA GLU A 28 11.96 -27.82 -32.16
C GLU A 28 12.04 -27.09 -30.86
N ASP A 29 10.94 -26.42 -30.52
CA ASP A 29 10.92 -25.53 -29.36
C ASP A 29 11.14 -26.40 -28.15
N GLY A 30 10.48 -27.55 -28.12
CA GLY A 30 10.55 -28.45 -27.00
C GLY A 30 11.96 -28.89 -26.65
N LYS A 31 12.79 -28.95 -27.67
CA LYS A 31 14.14 -29.44 -27.52
C LYS A 31 15.03 -28.26 -27.19
N THR A 32 14.75 -27.15 -27.85
CA THR A 32 15.64 -25.97 -27.83
C THR A 32 15.35 -25.05 -26.65
N LEU A 33 14.12 -24.57 -26.58
CA LEU A 33 13.74 -23.58 -25.56
C LEU A 33 13.38 -24.18 -24.21
N PHE A 34 12.92 -25.42 -24.24
CA PHE A 34 12.43 -26.12 -23.02
C PHE A 34 13.36 -27.28 -22.64
N GLN A 35 14.38 -27.48 -23.45
CA GLN A 35 15.50 -28.38 -23.14
C GLN A 35 15.04 -29.79 -22.81
N ASP A 36 13.98 -30.18 -23.47
CA ASP A 36 13.50 -31.54 -23.47
C ASP A 36 12.93 -31.94 -22.12
N CYS A 37 12.44 -30.97 -21.37
CA CYS A 37 11.76 -31.30 -20.10
C CYS A 37 10.36 -31.91 -20.31
N ASP A 38 9.98 -32.72 -19.33
CA ASP A 38 8.66 -33.34 -19.32
C ASP A 38 7.78 -32.59 -18.33
N SER A 39 8.43 -31.80 -17.48
CA SER A 39 7.70 -30.97 -16.52
C SER A 39 8.41 -29.64 -16.34
N ILE A 40 7.64 -28.65 -15.92
CA ILE A 40 8.22 -27.39 -15.48
C ILE A 40 7.77 -27.15 -14.05
N LEU A 41 8.76 -26.96 -13.16
CA LEU A 41 8.54 -26.69 -11.73
C LEU A 41 8.78 -25.23 -11.38
N VAL A 42 7.74 -24.62 -10.84
CA VAL A 42 7.77 -23.19 -10.51
C VAL A 42 7.23 -22.95 -9.10
N THR A 43 8.04 -22.35 -8.25
CA THR A 43 7.65 -22.04 -6.90
C THR A 43 7.74 -20.54 -6.60
N VAL A 44 6.79 -20.06 -5.82
CA VAL A 44 6.80 -18.68 -5.37
C VAL A 44 6.62 -18.60 -3.87
N GLY A 45 7.57 -17.94 -3.24
CA GLY A 45 7.62 -17.88 -1.80
C GLY A 45 6.78 -16.76 -1.25
N ALA A 46 7.20 -16.25 -0.11
CA ALA A 46 6.53 -15.11 0.51
C ALA A 46 6.87 -13.86 -0.28
N HIS A 47 5.95 -12.91 -0.23
CA HIS A 47 6.10 -11.67 -0.97
C HIS A 47 7.38 -10.95 -0.60
N ASP A 48 8.12 -10.60 -1.64
CA ASP A 48 9.41 -9.93 -1.51
C ASP A 48 9.46 -8.71 -2.41
N ASP A 49 9.12 -7.55 -1.85
CA ASP A 49 9.07 -6.31 -2.67
C ASP A 49 10.47 -5.82 -3.08
N THR A 50 11.43 -6.70 -2.81
CA THR A 50 12.85 -6.54 -3.19
C THR A 50 13.21 -7.08 -4.60
N ASN A 51 12.64 -8.20 -5.06
CA ASN A 51 12.69 -8.48 -6.50
C ASN A 51 11.32 -8.66 -7.11
N PRO A 52 10.77 -7.56 -7.64
CA PRO A 52 9.46 -7.63 -8.30
C PRO A 52 9.44 -8.34 -9.64
N TYR A 53 10.61 -8.63 -10.20
CA TYR A 53 10.70 -9.23 -11.56
C TYR A 53 11.38 -10.61 -11.56
N GLN A 54 10.59 -11.63 -11.82
CA GLN A 54 10.99 -13.04 -11.80
C GLN A 54 10.22 -13.74 -12.90
N LYS A 55 10.79 -14.76 -13.52
CA LYS A 55 10.02 -15.57 -14.48
C LYS A 55 8.83 -16.23 -13.78
N SER A 56 9.04 -16.55 -12.51
CA SER A 56 8.08 -17.35 -11.74
C SER A 56 6.83 -16.55 -11.50
N THR A 57 7.04 -15.34 -11.01
CA THR A 57 5.94 -14.42 -10.69
C THR A 57 5.31 -13.83 -11.95
N ALA A 58 6.10 -13.76 -13.01
CA ALA A 58 5.62 -13.31 -14.32
C ALA A 58 4.66 -14.37 -14.87
N LEU A 59 5.01 -15.63 -14.67
CA LEU A 59 4.17 -16.72 -15.09
C LEU A 59 2.80 -16.58 -14.40
N HIS A 60 2.84 -16.28 -13.11
CA HIS A 60 1.60 -16.12 -12.35
C HIS A 60 0.77 -15.03 -12.97
N THR A 61 1.41 -13.88 -13.13
CA THR A 61 0.73 -12.70 -13.65
C THR A 61 0.13 -12.96 -15.00
N TRP A 62 0.86 -13.69 -15.83
CA TRP A 62 0.46 -14.00 -17.21
C TRP A 62 -0.68 -15.01 -17.29
N LEU A 63 -0.53 -16.12 -16.56
CA LEU A 63 -1.61 -17.15 -16.50
C LEU A 63 -2.81 -16.77 -15.66
N LEU A 64 -2.56 -16.19 -14.47
CA LEU A 64 -3.59 -16.11 -13.42
C LEU A 64 -4.11 -14.72 -13.23
N GLY A 65 -3.32 -13.75 -13.69
CA GLY A 65 -3.66 -12.33 -13.64
C GLY A 65 -3.06 -11.66 -12.43
N TYR A 66 -2.64 -12.50 -11.50
CA TYR A 66 -2.04 -12.07 -10.25
C TYR A 66 -0.98 -13.00 -9.75
N GLU A 67 -0.10 -12.45 -8.92
CA GLU A 67 0.88 -13.26 -8.15
C GLU A 67 0.22 -13.93 -6.92
N PHE A 68 0.39 -15.23 -6.79
CA PHE A 68 -0.10 -16.01 -5.65
C PHE A 68 1.11 -16.43 -4.78
N PRO A 69 1.35 -15.71 -3.68
CA PRO A 69 2.47 -16.14 -2.86
C PRO A 69 2.33 -17.57 -2.34
N SER A 70 3.47 -18.14 -1.97
CA SER A 70 3.52 -19.43 -1.29
C SER A 70 2.66 -20.44 -2.03
N THR A 71 2.98 -20.58 -3.30
CA THR A 71 2.38 -21.61 -4.14
C THR A 71 3.36 -22.21 -5.13
N LEU A 72 3.02 -23.44 -5.50
CA LEU A 72 3.80 -24.30 -6.37
C LEU A 72 3.00 -24.66 -7.58
N ILE A 73 3.64 -24.57 -8.73
CA ILE A 73 3.02 -25.06 -9.96
C ILE A 73 3.91 -26.13 -10.60
N LEU A 74 3.28 -27.21 -11.02
CA LEU A 74 3.95 -28.20 -11.87
C LEU A 74 3.17 -28.28 -13.18
N LEU A 75 3.81 -27.79 -14.23
CA LEU A 75 3.29 -27.85 -15.58
C LEU A 75 3.74 -29.16 -16.22
N GLU A 76 2.75 -29.87 -16.78
CA GLU A 76 2.98 -30.97 -17.68
C GLU A 76 2.18 -30.74 -18.94
N LYS A 77 2.51 -31.48 -19.98
CA LYS A 77 1.93 -31.22 -21.31
C LYS A 77 0.43 -31.47 -21.36
N HIS A 78 0.00 -32.39 -20.50
CA HIS A 78 -1.39 -32.85 -20.41
C HIS A 78 -2.14 -32.26 -19.22
N ARG A 79 -1.37 -31.67 -18.32
CA ARG A 79 -1.89 -31.24 -17.01
C ARG A 79 -1.08 -30.15 -16.35
N ILE A 80 -1.79 -29.21 -15.74
CA ILE A 80 -1.18 -28.23 -14.84
C ILE A 80 -1.71 -28.42 -13.42
N THR A 81 -0.76 -28.55 -12.50
CA THR A 81 -1.03 -28.73 -11.08
C THR A 81 -0.64 -27.48 -10.33
N ILE A 82 -1.57 -26.95 -9.56
CA ILE A 82 -1.28 -25.79 -8.69
C ILE A 82 -1.58 -26.17 -7.23
N LEU A 83 -0.55 -26.03 -6.39
CA LEU A 83 -0.60 -26.31 -4.96
C LEU A 83 -0.51 -25.03 -4.10
N THR A 84 -1.63 -24.72 -3.45
CA THR A 84 -1.74 -23.50 -2.63
C THR A 84 -2.71 -23.68 -1.48
N SER A 85 -2.95 -22.56 -0.81
CA SER A 85 -3.79 -22.51 0.37
C SER A 85 -5.21 -22.68 -0.09
N VAL A 86 -6.05 -23.12 0.83
CA VAL A 86 -7.45 -23.45 0.49
C VAL A 86 -8.16 -22.25 -0.11
N ASN A 87 -7.80 -21.09 0.39
CA ASN A 87 -8.50 -19.84 0.07
C ASN A 87 -8.08 -19.39 -1.31
N LYS A 88 -6.81 -19.60 -1.63
CA LYS A 88 -6.26 -19.24 -2.95
C LYS A 88 -6.74 -20.27 -3.96
N ALA A 89 -6.74 -21.50 -3.51
CA ALA A 89 -7.16 -22.64 -4.33
C ALA A 89 -8.60 -22.50 -4.78
N ASN A 90 -9.46 -22.06 -3.88
CA ASN A 90 -10.89 -21.93 -4.18
C ASN A 90 -11.13 -20.89 -5.26
N MSE A 91 -10.11 -20.07 -5.49
CA MSE A 91 -10.25 -19.00 -6.47
C MSE A 91 -9.92 -19.54 -7.84
O MSE A 91 -10.24 -18.95 -8.87
CB MSE A 91 -9.28 -17.85 -6.15
CG MSE A 91 -9.62 -17.09 -4.88
SE MSE A 91 -8.36 -15.63 -4.50
CE MSE A 91 -8.49 -14.72 -6.23
N LEU A 92 -9.25 -20.67 -7.82
CA LEU A 92 -8.63 -21.19 -9.04
C LEU A 92 -9.45 -22.34 -9.58
N THR A 93 -10.42 -22.68 -8.77
CA THR A 93 -11.24 -23.88 -8.97
C THR A 93 -12.07 -23.81 -10.25
N LYS A 94 -12.44 -22.59 -10.60
CA LYS A 94 -13.19 -22.31 -11.82
C LYS A 94 -12.37 -22.63 -13.07
N LEU A 95 -11.05 -22.77 -12.93
CA LEU A 95 -10.20 -23.06 -14.12
C LEU A 95 -10.32 -24.53 -14.53
N ALA A 96 -10.88 -25.32 -13.63
CA ALA A 96 -10.78 -26.78 -13.70
C ALA A 96 -11.84 -27.46 -14.58
N GLU A 97 -12.90 -26.79 -14.96
CA GLU A 97 -13.76 -27.54 -15.86
C GLU A 97 -14.28 -26.72 -17.00
N THR A 98 -13.55 -25.68 -17.34
CA THR A 98 -13.88 -24.87 -18.49
C THR A 98 -13.93 -25.75 -19.73
N LYS A 99 -14.88 -25.43 -20.59
CA LYS A 99 -15.07 -26.17 -21.83
C LYS A 99 -13.87 -25.97 -22.78
N GLY A 100 -13.33 -24.76 -22.79
CA GLY A 100 -12.15 -24.42 -23.61
C GLY A 100 -10.80 -24.77 -22.99
N ALA A 101 -10.81 -25.70 -22.06
CA ALA A 101 -9.58 -26.14 -21.36
C ALA A 101 -8.40 -26.54 -22.26
N ALA A 102 -7.21 -26.08 -21.88
CA ALA A 102 -5.97 -26.37 -22.63
C ALA A 102 -5.27 -27.59 -22.07
N ALA A 103 -5.67 -27.93 -20.86
CA ALA A 103 -5.06 -29.03 -20.15
C ALA A 103 -5.92 -29.43 -18.97
N ASP A 104 -5.64 -30.59 -18.40
CA ASP A 104 -6.24 -30.95 -17.12
C ASP A 104 -5.78 -29.92 -16.09
N VAL A 105 -6.68 -29.48 -15.23
CA VAL A 105 -6.28 -28.60 -14.12
C VAL A 105 -6.40 -29.30 -12.77
N ASN A 106 -5.26 -29.48 -12.14
CA ASN A 106 -5.15 -30.24 -10.91
C ASN A 106 -4.86 -29.35 -9.71
N ILE A 107 -5.88 -28.99 -8.96
CA ILE A 107 -5.71 -28.10 -7.81
C ILE A 107 -5.59 -28.90 -6.50
N LEU A 108 -4.45 -28.70 -5.83
CA LEU A 108 -4.15 -29.32 -4.54
C LEU A 108 -4.26 -28.26 -3.45
N LYS A 109 -5.15 -28.50 -2.49
CA LYS A 109 -5.41 -27.57 -1.38
C LYS A 109 -4.58 -27.85 -0.14
N ARG A 110 -3.75 -26.88 0.21
CA ARG A 110 -3.05 -26.90 1.50
C ARG A 110 -3.99 -26.62 2.67
N THR A 111 -3.95 -27.52 3.62
CA THR A 111 -4.69 -27.33 4.87
C THR A 111 -3.78 -26.88 6.00
N LYS A 112 -4.26 -27.13 7.20
CA LYS A 112 -3.59 -26.65 8.39
C LYS A 112 -2.89 -27.79 9.11
N ASP A 113 -2.86 -28.95 8.45
CA ASP A 113 -2.12 -30.12 8.97
C ASP A 113 -0.85 -30.38 8.19
N ALA A 114 0.24 -30.37 8.94
CA ALA A 114 1.59 -30.41 8.37
C ALA A 114 1.78 -31.65 7.55
N GLU A 115 1.10 -32.70 7.97
CA GLU A 115 1.40 -34.05 7.46
C GLU A 115 0.71 -34.29 6.15
N GLU A 116 -0.54 -33.85 6.12
CA GLU A 116 -1.34 -33.78 4.90
C GLU A 116 -0.67 -32.93 3.85
N ASN A 117 -0.29 -31.76 4.29
CA ASN A 117 0.46 -30.81 3.45
C ASN A 117 1.69 -31.48 2.83
N LYS A 118 2.28 -32.39 3.59
CA LYS A 118 3.51 -33.05 3.17
C LYS A 118 3.16 -34.07 2.11
N LYS A 119 2.01 -34.69 2.31
CA LYS A 119 1.50 -35.69 1.37
C LYS A 119 1.23 -34.99 0.04
N LEU A 120 0.77 -33.74 0.10
CA LEU A 120 0.48 -32.97 -1.12
C LEU A 120 1.78 -32.73 -1.89
N PHE A 121 2.82 -32.33 -1.16
CA PHE A 121 4.14 -32.08 -1.76
C PHE A 121 4.69 -33.36 -2.36
N GLU A 122 4.40 -34.46 -1.70
CA GLU A 122 4.94 -35.75 -2.11
C GLU A 122 4.31 -36.21 -3.44
N LYS A 123 3.08 -35.75 -3.66
CA LYS A 123 2.37 -35.99 -4.94
C LYS A 123 3.16 -35.38 -6.09
N ILE A 124 3.68 -34.19 -5.86
CA ILE A 124 4.40 -33.46 -6.91
C ILE A 124 5.60 -34.30 -7.33
N ILE A 125 6.27 -34.91 -6.35
CA ILE A 125 7.54 -35.62 -6.59
C ILE A 125 7.24 -36.87 -7.40
N GLU A 126 6.05 -37.39 -7.15
CA GLU A 126 5.59 -38.63 -7.77
C GLU A 126 5.25 -38.35 -9.23
N TYR A 127 4.56 -37.25 -9.50
CA TYR A 127 4.29 -36.84 -10.88
C TYR A 127 5.58 -36.77 -11.69
N ILE A 128 6.65 -36.28 -11.06
CA ILE A 128 7.91 -36.04 -11.77
C ILE A 128 8.62 -37.33 -12.09
N ARG A 129 8.43 -38.33 -11.24
CA ARG A 129 9.18 -39.59 -11.37
C ARG A 129 8.58 -40.35 -12.54
N ALA A 130 7.32 -40.06 -12.77
CA ALA A 130 6.56 -40.78 -13.77
C ALA A 130 6.94 -40.25 -15.13
N THR A 131 7.86 -39.27 -15.13
CA THR A 131 8.31 -38.65 -16.40
C THR A 131 9.73 -39.07 -16.81
N ASN A 132 10.31 -38.31 -17.73
CA ASN A 132 11.69 -38.57 -18.23
C ASN A 132 12.68 -37.98 -17.24
N LYS A 133 12.11 -37.38 -16.20
CA LYS A 133 12.83 -36.87 -15.03
C LYS A 133 13.66 -35.61 -15.32
N LYS A 134 13.48 -35.04 -16.49
CA LYS A 134 14.02 -33.71 -16.83
C LYS A 134 13.01 -32.67 -16.41
N VAL A 135 13.45 -31.81 -15.49
CA VAL A 135 12.58 -30.82 -14.89
C VAL A 135 13.02 -29.42 -15.28
N GLY A 136 12.12 -28.72 -15.95
CA GLY A 136 12.34 -27.34 -16.34
C GLY A 136 12.18 -26.44 -15.16
N VAL A 137 13.19 -25.61 -14.97
CA VAL A 137 13.18 -24.58 -13.94
C VAL A 137 13.65 -23.24 -14.51
N PHE A 138 13.48 -22.20 -13.72
CA PHE A 138 13.90 -20.83 -14.06
C PHE A 138 15.05 -20.48 -13.13
N PRO A 139 16.29 -20.74 -13.55
CA PRO A 139 17.32 -20.87 -12.51
C PRO A 139 17.68 -19.59 -11.83
N LYS A 140 17.37 -18.46 -12.47
CA LYS A 140 17.81 -17.13 -11.94
C LYS A 140 16.90 -16.64 -10.83
N ASP A 141 15.82 -17.36 -10.64
CA ASP A 141 14.78 -16.95 -9.69
C ASP A 141 15.22 -17.30 -8.31
N LYS A 142 14.82 -16.47 -7.35
CA LYS A 142 15.13 -16.70 -5.96
C LYS A 142 13.89 -16.48 -5.13
N THR A 143 13.64 -17.39 -4.21
CA THR A 143 12.52 -17.20 -3.31
C THR A 143 12.80 -17.71 -1.90
N GLN A 144 11.83 -17.45 -1.03
CA GLN A 144 12.07 -17.55 0.41
C GLN A 144 10.81 -17.63 1.25
N GLY A 145 10.95 -18.27 2.41
CA GLY A 145 9.86 -18.38 3.35
C GLY A 145 9.50 -19.77 3.83
N LYS A 146 8.39 -19.80 4.55
CA LYS A 146 7.88 -20.99 5.24
C LYS A 146 7.54 -22.09 4.26
N PHE A 147 6.69 -21.71 3.32
CA PHE A 147 6.22 -22.60 2.27
C PHE A 147 7.43 -23.25 1.59
N ILE A 148 8.30 -22.38 1.12
CA ILE A 148 9.51 -22.77 0.39
C ILE A 148 10.36 -23.71 1.23
N ASN A 149 10.38 -23.47 2.53
CA ASN A 149 11.24 -24.26 3.41
C ASN A 149 10.74 -25.70 3.50
N GLU A 150 9.42 -25.84 3.49
CA GLU A 150 8.79 -27.15 3.53
C GLU A 150 9.10 -27.91 2.28
N TRP A 151 8.97 -27.19 1.18
CA TRP A 151 9.20 -27.76 -0.13
C TRP A 151 10.62 -28.24 -0.26
N ASP A 152 11.56 -27.43 0.21
CA ASP A 152 12.99 -27.80 0.15
C ASP A 152 13.24 -29.05 0.96
N SER A 153 12.58 -29.11 2.10
CA SER A 153 12.79 -30.21 3.03
C SER A 153 12.52 -31.53 2.36
N ILE A 154 11.59 -31.47 1.41
CA ILE A 154 11.03 -32.66 0.75
C ILE A 154 11.76 -32.96 -0.59
N PHE A 155 12.04 -31.88 -1.31
CA PHE A 155 12.60 -31.99 -2.67
C PHE A 155 14.11 -32.24 -2.64
N GLU A 156 14.80 -31.49 -1.80
CA GLU A 156 16.26 -31.52 -1.79
C GLU A 156 16.78 -32.94 -1.56
N PRO A 157 16.17 -33.70 -0.63
CA PRO A 157 16.72 -35.06 -0.44
C PRO A 157 16.50 -36.02 -1.61
N VAL A 158 15.54 -35.72 -2.48
CA VAL A 158 15.21 -36.60 -3.63
C VAL A 158 15.59 -35.98 -4.96
N LYS A 159 16.25 -34.84 -4.89
CA LYS A 159 16.43 -33.97 -6.06
C LYS A 159 17.42 -34.49 -7.10
N SER A 160 18.30 -35.36 -6.63
CA SER A 160 19.40 -35.88 -7.45
C SER A 160 18.86 -36.95 -8.37
N GLU A 161 17.58 -37.26 -8.17
CA GLU A 161 16.91 -38.28 -8.97
C GLU A 161 16.53 -37.63 -10.27
N PHE A 162 16.66 -36.32 -10.28
CA PHE A 162 16.18 -35.53 -11.43
C PHE A 162 17.28 -34.70 -12.05
N ASN A 163 16.98 -34.30 -13.27
CA ASN A 163 17.84 -33.46 -14.09
C ASN A 163 17.16 -32.13 -14.37
N LEU A 164 17.63 -31.14 -13.65
CA LEU A 164 17.06 -29.78 -13.70
C LEU A 164 17.66 -28.99 -14.87
N VAL A 165 16.78 -28.44 -15.67
CA VAL A 165 17.17 -27.77 -16.90
C VAL A 165 16.46 -26.42 -17.03
N ASP A 166 17.09 -25.53 -17.77
CA ASP A 166 16.60 -24.15 -17.94
C ASP A 166 15.55 -24.04 -19.08
N ALA A 167 14.28 -23.88 -18.70
CA ALA A 167 13.14 -23.77 -19.66
C ALA A 167 12.67 -22.31 -19.81
N SER A 168 13.49 -21.49 -19.20
CA SER A 168 13.41 -20.03 -19.15
C SER A 168 12.96 -19.38 -20.45
N LEU A 169 13.62 -19.84 -21.49
CA LEU A 169 13.42 -19.26 -22.83
C LEU A 169 12.14 -19.75 -23.47
N GLY A 170 11.55 -20.84 -22.98
CA GLY A 170 10.31 -21.22 -23.57
C GLY A 170 9.20 -20.32 -23.07
N LEU A 171 9.36 -19.85 -21.84
CA LEU A 171 8.39 -18.92 -21.26
C LEU A 171 8.57 -17.55 -21.91
N ALA A 172 9.81 -17.24 -22.16
CA ALA A 172 10.19 -15.90 -22.65
C ALA A 172 9.53 -15.62 -24.02
N LYS A 173 9.44 -16.68 -24.80
CA LYS A 173 8.93 -16.63 -26.15
C LYS A 173 7.44 -16.37 -26.11
N CYS A 174 6.84 -16.82 -25.02
CA CYS A 174 5.40 -16.69 -24.84
C CYS A 174 5.07 -15.28 -24.39
N LEU A 175 5.82 -14.85 -23.40
CA LEU A 175 5.65 -13.52 -22.81
C LEU A 175 5.99 -12.39 -23.78
N ALA A 176 6.84 -12.70 -24.75
CA ALA A 176 7.42 -11.71 -25.67
C ALA A 176 6.36 -11.05 -26.53
N ILE A 177 5.37 -11.84 -26.95
CA ILE A 177 4.28 -11.31 -27.81
C ILE A 177 3.06 -10.87 -27.02
N LYS A 178 2.85 -9.57 -26.96
CA LYS A 178 1.76 -9.02 -26.12
C LYS A 178 0.43 -9.01 -26.87
N ASP A 179 -0.65 -9.36 -26.18
CA ASP A 179 -2.00 -9.28 -26.78
C ASP A 179 -2.56 -7.90 -26.59
N GLU A 180 -3.82 -7.73 -26.93
CA GLU A 180 -4.43 -6.39 -26.99
C GLU A 180 -4.55 -5.73 -25.60
N GLN A 181 -4.93 -6.51 -24.62
CA GLN A 181 -5.08 -5.99 -23.25
C GLN A 181 -3.73 -5.56 -22.70
N GLU A 182 -2.74 -6.42 -22.96
CA GLU A 182 -1.38 -6.19 -22.47
C GLU A 182 -0.73 -4.93 -23.04
N LEU A 183 -0.93 -4.74 -24.33
CA LEU A 183 -0.44 -3.56 -25.03
C LEU A 183 -1.10 -2.32 -24.42
N ALA A 184 -2.38 -2.47 -24.12
CA ALA A 184 -3.18 -1.40 -23.49
C ALA A 184 -2.59 -1.04 -22.14
N ASN A 185 -2.22 -2.06 -21.39
CA ASN A 185 -1.62 -1.85 -20.07
C ASN A 185 -0.31 -1.10 -20.16
N ILE A 186 0.49 -1.48 -21.15
CA ILE A 186 1.85 -0.92 -21.36
C ILE A 186 1.74 0.52 -21.88
N LYS A 187 0.75 0.75 -22.72
CA LYS A 187 0.45 2.09 -23.22
C LYS A 187 0.03 3.00 -22.08
N GLY A 188 -0.80 2.46 -21.19
CA GLY A 188 -1.23 3.20 -20.03
C GLY A 188 -0.06 3.64 -19.17
N ALA A 189 0.77 2.67 -18.82
CA ALA A 189 1.96 2.89 -18.01
C ALA A 189 2.82 3.97 -18.61
N SER A 190 2.95 3.86 -19.90
CA SER A 190 3.82 4.72 -20.73
C SER A 190 3.33 6.13 -20.69
N ARG A 191 2.01 6.26 -20.76
CA ARG A 191 1.33 7.53 -20.68
C ARG A 191 1.55 8.25 -19.36
N VAL A 192 1.55 7.49 -18.28
CA VAL A 192 1.80 8.08 -16.96
C VAL A 192 3.27 8.51 -16.91
N SER A 193 4.15 7.68 -17.42
CA SER A 193 5.59 7.92 -17.32
C SER A 193 5.86 9.26 -18.00
N VAL A 194 5.31 9.42 -19.19
CA VAL A 194 5.74 10.53 -20.01
C VAL A 194 5.09 11.78 -19.47
N ALA A 195 3.91 11.62 -18.89
CA ALA A 195 3.21 12.76 -18.30
C ALA A 195 3.97 13.29 -17.07
N VAL A 196 4.45 12.37 -16.25
CA VAL A 196 5.20 12.75 -15.04
C VAL A 196 6.47 13.47 -15.45
N MSE A 197 7.10 12.94 -16.49
CA MSE A 197 8.37 13.46 -17.00
C MSE A 197 8.21 14.88 -17.55
O MSE A 197 8.87 15.83 -17.10
CB MSE A 197 8.94 12.55 -18.11
CG MSE A 197 10.23 13.10 -18.69
SE MSE A 197 11.88 12.90 -17.62
CE MSE A 197 12.28 11.05 -18.13
N SER A 198 7.31 14.98 -18.51
CA SER A 198 7.05 16.23 -19.26
C SER A 198 6.49 17.31 -18.39
N LYS A 199 5.79 16.88 -17.37
CA LYS A 199 5.06 17.85 -16.56
C LYS A 199 5.68 18.06 -15.19
N TYR A 200 5.80 17.03 -14.38
CA TYR A 200 6.33 17.22 -13.02
C TYR A 200 7.84 17.46 -13.03
N PHE A 201 8.58 16.60 -13.71
CA PHE A 201 10.04 16.66 -13.65
C PHE A 201 10.61 17.92 -14.26
N VAL A 202 10.21 18.23 -15.48
CA VAL A 202 10.88 19.31 -16.22
C VAL A 202 10.59 20.60 -15.48
N ASP A 203 9.44 20.61 -14.83
CA ASP A 203 9.02 21.79 -14.05
C ASP A 203 9.90 22.01 -12.86
N GLU A 204 10.09 20.92 -12.12
CA GLU A 204 10.96 20.93 -10.93
C GLU A 204 12.38 21.27 -11.32
N LEU A 205 12.86 20.56 -12.35
CA LEU A 205 14.24 20.70 -12.80
C LEU A 205 14.51 22.17 -13.10
N SER A 206 13.65 22.74 -13.93
CA SER A 206 13.92 24.07 -14.52
C SER A 206 13.85 25.18 -13.50
N THR A 207 12.98 25.03 -12.51
CA THR A 207 12.87 26.08 -11.50
C THR A 207 14.04 25.94 -10.54
N TYR A 208 14.39 24.71 -10.22
CA TYR A 208 15.53 24.48 -9.31
C TYR A 208 16.77 25.20 -9.82
N ILE A 209 17.16 24.84 -11.03
CA ILE A 209 18.37 25.39 -11.66
C ILE A 209 18.28 26.90 -11.71
N ASP A 210 17.10 27.37 -12.08
CA ASP A 210 16.84 28.78 -12.27
C ASP A 210 17.05 29.52 -10.96
N GLN A 211 16.42 28.97 -9.94
CA GLN A 211 16.45 29.59 -8.61
C GLN A 211 17.57 29.06 -7.73
N GLY A 212 18.62 28.61 -8.40
CA GLY A 212 19.88 28.28 -7.75
C GLY A 212 19.70 27.41 -6.53
N LYS A 213 18.63 26.61 -6.58
CA LYS A 213 18.34 25.64 -5.51
C LYS A 213 19.32 24.50 -5.41
N LYS A 214 19.80 24.31 -4.18
CA LYS A 214 20.78 23.26 -3.84
C LYS A 214 20.08 22.01 -3.35
N ILE A 215 19.95 21.08 -4.28
CA ILE A 215 19.26 19.84 -4.00
C ILE A 215 20.08 18.68 -4.52
N THR A 216 20.18 17.62 -3.72
CA THR A 216 20.88 16.42 -4.15
C THR A 216 19.98 15.67 -5.08
N HIS A 217 20.61 14.81 -5.85
CA HIS A 217 19.92 13.97 -6.82
C HIS A 217 19.03 12.98 -6.11
N SER A 218 19.59 12.39 -5.07
CA SER A 218 18.83 11.45 -4.26
C SER A 218 17.58 12.13 -3.68
N LYS A 219 17.75 13.32 -3.13
CA LYS A 219 16.61 14.08 -2.57
C LYS A 219 15.53 14.23 -3.62
N PHE A 220 15.98 14.60 -4.81
CA PHE A 220 15.09 14.99 -5.92
C PHE A 220 14.39 13.74 -6.41
N SER A 221 15.20 12.74 -6.65
CA SER A 221 14.72 11.38 -6.98
C SER A 221 13.65 10.90 -5.98
N ASP A 222 13.89 11.08 -4.69
CA ASP A 222 12.98 10.57 -3.64
C ASP A 222 11.69 11.39 -3.62
N GLN A 223 11.88 12.65 -3.97
CA GLN A 223 10.80 13.62 -4.12
C GLN A 223 9.87 13.14 -5.23
N MSE A 224 10.47 12.83 -6.35
CA MSE A 224 9.73 12.27 -7.48
C MSE A 224 8.95 11.04 -7.09
O MSE A 224 7.76 10.94 -7.31
CB MSE A 224 10.68 11.84 -8.57
CG MSE A 224 11.52 12.96 -9.07
SE MSE A 224 10.38 14.12 -10.13
CE MSE A 224 10.05 12.82 -11.52
N GLU A 225 9.67 10.10 -6.54
CA GLU A 225 9.10 8.81 -6.15
C GLU A 225 7.88 9.00 -5.23
N SER A 226 8.00 9.96 -4.31
CA SER A 226 6.94 10.17 -3.31
C SER A 226 5.71 10.74 -3.98
N LEU A 227 5.86 11.09 -5.24
CA LEU A 227 4.77 11.67 -6.03
C LEU A 227 3.63 10.63 -6.19
N ILE A 228 3.97 9.36 -6.11
CA ILE A 228 3.00 8.30 -6.34
C ILE A 228 1.92 8.29 -5.28
N ASP A 229 2.23 8.90 -4.15
CA ASP A 229 1.33 8.83 -2.99
C ASP A 229 0.44 10.04 -2.97
N ASN A 230 0.62 10.85 -3.99
CA ASN A 230 -0.12 12.10 -4.17
C ASN A 230 -1.08 12.00 -5.33
N GLU A 231 -2.25 11.42 -5.09
CA GLU A 231 -3.13 11.02 -6.19
C GLU A 231 -3.83 12.24 -6.76
N ALA A 232 -3.71 13.33 -6.02
CA ALA A 232 -4.27 14.62 -6.45
C ALA A 232 -3.54 15.01 -7.72
N PHE A 233 -2.27 14.64 -7.77
CA PHE A 233 -1.37 15.05 -8.86
C PHE A 233 -1.80 14.43 -10.18
N PHE A 234 -2.36 13.24 -10.07
CA PHE A 234 -2.62 12.39 -11.25
C PHE A 234 -3.97 12.73 -11.82
N GLN A 235 -4.71 13.54 -11.06
CA GLN A 235 -6.04 13.97 -11.47
C GLN A 235 -5.99 15.32 -12.17
N THR A 236 -4.79 15.89 -12.19
CA THR A 236 -4.55 17.07 -13.00
C THR A 236 -5.00 16.72 -14.40
N LYS A 237 -5.85 17.58 -14.94
CA LYS A 237 -6.52 17.32 -16.23
C LYS A 237 -5.55 17.45 -17.38
N SER A 238 -4.64 18.41 -17.25
CA SER A 238 -3.61 18.63 -18.28
C SER A 238 -2.87 17.32 -18.52
N LEU A 239 -2.82 16.52 -17.45
CA LEU A 239 -2.47 15.11 -17.54
C LEU A 239 -3.77 14.44 -17.99
N LYS A 240 -3.82 14.09 -19.26
CA LYS A 240 -4.95 13.36 -19.79
C LYS A 240 -4.76 11.92 -19.33
N LEU A 241 -4.88 11.74 -18.02
CA LEU A 241 -4.74 10.42 -17.38
C LEU A 241 -6.05 9.93 -16.77
N GLY A 242 -7.14 10.56 -17.17
CA GLY A 242 -8.44 10.33 -16.53
C GLY A 242 -8.86 8.87 -16.48
N ASP A 243 -8.32 8.09 -17.39
CA ASP A 243 -8.77 6.70 -17.61
C ASP A 243 -7.87 5.68 -16.91
N ILE A 244 -6.88 6.18 -16.20
CA ILE A 244 -5.93 5.32 -15.47
C ILE A 244 -6.42 4.98 -14.08
N ASP A 245 -6.55 3.70 -13.82
CA ASP A 245 -6.89 3.21 -12.49
C ASP A 245 -5.67 3.34 -11.59
N LEU A 246 -5.69 4.43 -10.83
CA LEU A 246 -4.51 4.80 -10.04
C LEU A 246 -4.18 3.73 -9.01
N ASP A 247 -5.15 2.88 -8.71
CA ASP A 247 -4.88 1.86 -7.68
C ASP A 247 -4.10 0.70 -8.26
N GLN A 248 -3.85 0.74 -9.55
CA GLN A 248 -3.11 -0.33 -10.22
C GLN A 248 -1.78 0.16 -10.71
N LEU A 249 -1.40 1.32 -10.18
CA LEU A 249 -0.15 1.99 -10.56
C LEU A 249 0.95 1.78 -9.54
N GLU A 250 2.14 1.52 -10.06
CA GLU A 250 3.37 1.49 -9.24
C GLU A 250 4.55 1.98 -10.03
N TRP A 251 5.60 2.30 -9.30
CA TRP A 251 6.95 2.51 -9.87
C TRP A 251 7.58 1.21 -10.31
N CYS A 252 8.27 1.27 -11.45
CA CYS A 252 9.12 0.17 -11.91
C CYS A 252 10.40 0.17 -11.12
N TYR A 253 10.85 1.38 -10.80
CA TYR A 253 12.08 1.56 -10.04
C TYR A 253 12.14 2.98 -9.52
N THR A 254 13.17 3.27 -8.74
CA THR A 254 13.39 4.62 -8.21
C THR A 254 14.00 5.48 -9.32
N PRO A 255 13.32 6.59 -9.68
CA PRO A 255 13.83 7.44 -10.76
C PRO A 255 15.32 7.75 -10.66
N ILE A 256 15.98 7.61 -11.80
CA ILE A 256 17.42 7.89 -11.94
C ILE A 256 17.67 9.32 -12.43
N ILE A 257 18.33 10.10 -11.61
CA ILE A 257 18.71 11.49 -11.94
C ILE A 257 20.21 11.76 -11.77
N GLN A 258 20.72 12.47 -12.77
CA GLN A 258 22.16 12.63 -13.00
C GLN A 258 22.52 13.97 -13.59
N SER A 259 23.64 14.49 -13.11
CA SER A 259 24.19 15.76 -13.58
C SER A 259 25.62 15.93 -13.16
N GLY A 260 26.14 17.11 -13.44
CA GLY A 260 27.40 17.55 -12.87
C GLY A 260 28.59 16.69 -13.22
N GLY A 261 28.50 16.04 -14.37
CA GLY A 261 29.64 15.42 -15.01
C GLY A 261 29.86 14.00 -14.55
N SER A 262 28.88 13.46 -13.86
CA SER A 262 28.92 12.05 -13.45
C SER A 262 27.66 11.28 -13.80
N TYR A 263 27.83 10.38 -14.77
CA TYR A 263 26.71 9.66 -15.40
C TYR A 263 26.91 8.15 -15.47
N ASP A 264 25.79 7.45 -15.47
CA ASP A 264 25.77 6.00 -15.66
C ASP A 264 24.55 5.66 -16.48
N LEU A 265 24.78 5.15 -17.68
CA LEU A 265 23.71 4.92 -18.65
C LEU A 265 23.11 3.53 -18.54
N LYS A 266 23.43 2.83 -17.45
CA LYS A 266 22.82 1.51 -17.20
C LYS A 266 21.58 1.63 -16.33
N PRO A 267 20.56 0.78 -16.60
CA PRO A 267 19.32 0.89 -15.86
C PRO A 267 19.46 0.57 -14.37
N SER A 268 20.63 0.03 -14.02
CA SER A 268 20.96 -0.35 -12.66
C SER A 268 21.60 0.82 -11.91
N ALA A 269 21.72 1.95 -12.59
CA ALA A 269 22.30 3.15 -11.95
C ALA A 269 21.53 3.51 -10.71
N ILE A 270 22.30 3.80 -9.67
CA ILE A 270 21.76 4.36 -8.43
C ILE A 270 22.09 5.83 -8.30
N THR A 271 21.05 6.60 -8.00
CA THR A 271 21.14 8.05 -7.90
C THR A 271 21.97 8.46 -6.70
N ASP A 272 23.02 9.22 -6.97
CA ASP A 272 24.00 9.60 -5.93
C ASP A 272 23.49 10.72 -5.06
N ASP A 273 24.36 11.16 -4.16
CA ASP A 273 23.98 12.07 -3.09
C ASP A 273 24.59 13.45 -3.33
N ARG A 274 25.16 13.59 -4.53
CA ARG A 274 25.73 14.87 -5.01
C ARG A 274 24.61 15.82 -5.38
N ASN A 275 24.93 17.11 -5.35
CA ASN A 275 23.99 18.17 -5.71
C ASN A 275 23.80 18.29 -7.18
N LEU A 276 22.54 18.47 -7.53
CA LEU A 276 22.11 18.82 -8.88
C LEU A 276 22.93 19.99 -9.47
N HIS A 277 23.48 19.74 -10.64
CA HIS A 277 24.19 20.75 -11.44
C HIS A 277 23.46 21.03 -12.76
N GLY A 278 23.28 22.32 -13.02
CA GLY A 278 22.63 22.81 -14.23
C GLY A 278 23.51 22.80 -15.46
N ASP A 279 23.89 21.61 -15.93
CA ASP A 279 24.66 21.49 -17.18
C ASP A 279 24.00 20.52 -18.14
N VAL A 280 24.37 19.26 -18.02
CA VAL A 280 23.64 18.20 -18.72
C VAL A 280 22.97 17.30 -17.69
N VAL A 281 21.65 17.24 -17.75
CA VAL A 281 20.87 16.49 -16.77
C VAL A 281 20.11 15.32 -17.42
N LEU A 282 20.31 14.14 -16.86
CA LEU A 282 19.66 12.91 -17.37
C LEU A 282 18.60 12.46 -16.39
N CYS A 283 17.48 11.99 -16.96
CA CYS A 283 16.44 11.40 -16.16
C CYS A 283 15.80 10.23 -16.84
N SER A 284 15.72 9.16 -16.05
CA SER A 284 15.03 7.93 -16.40
C SER A 284 13.92 7.67 -15.38
N LEU A 285 12.71 7.51 -15.87
CA LEU A 285 11.61 7.09 -14.99
C LEU A 285 10.60 6.18 -15.70
N GLY A 286 10.02 5.25 -14.94
CA GLY A 286 8.97 4.37 -15.49
C GLY A 286 7.98 3.89 -14.47
N PHE A 287 6.72 3.87 -14.90
CA PHE A 287 5.65 3.25 -14.16
C PHE A 287 5.21 1.89 -14.68
N ARG A 288 4.62 1.19 -13.76
CA ARG A 288 4.09 -0.16 -13.93
C ARG A 288 2.61 -0.12 -13.71
N TYR A 289 1.86 -0.47 -14.75
CA TYR A 289 0.39 -0.36 -14.73
C TYR A 289 -0.25 -1.74 -14.89
N LYS A 290 -1.04 -2.13 -13.90
CA LYS A 290 -1.66 -3.47 -13.90
C LYS A 290 -0.57 -4.50 -14.16
N SER A 291 0.63 -4.19 -13.69
CA SER A 291 1.72 -5.15 -13.61
C SER A 291 2.58 -5.17 -14.88
N TYR A 292 2.22 -4.32 -15.82
CA TYR A 292 3.01 -4.09 -17.06
C TYR A 292 3.83 -2.81 -16.97
N CYS A 293 5.11 -3.02 -17.23
CA CYS A 293 6.15 -2.00 -17.15
C CYS A 293 6.21 -1.09 -18.35
N SER A 294 6.71 0.11 -18.06
CA SER A 294 7.16 1.07 -19.07
C SER A 294 8.40 1.84 -18.61
N ASN A 295 8.98 2.61 -19.53
CA ASN A 295 10.19 3.40 -19.29
C ASN A 295 10.30 4.56 -20.25
N VAL A 296 10.74 5.68 -19.73
CA VAL A 296 11.07 6.86 -20.52
C VAL A 296 12.34 7.47 -19.92
N GLY A 297 13.11 8.11 -20.77
CA GLY A 297 14.33 8.82 -20.35
C GLY A 297 14.73 9.88 -21.33
N ARG A 298 15.22 10.99 -20.77
CA ARG A 298 15.47 12.23 -21.51
C ARG A 298 16.71 12.95 -21.01
N THR A 299 17.27 13.75 -21.92
CA THR A 299 18.41 14.60 -21.64
C THR A 299 17.95 16.04 -21.67
N TYR A 300 18.46 16.82 -20.73
CA TYR A 300 18.24 18.29 -20.70
C TYR A 300 19.56 19.03 -20.67
N LEU A 301 19.61 20.07 -21.47
CA LEU A 301 20.80 20.84 -21.70
C LEU A 301 20.61 22.24 -21.18
N PHE A 302 21.58 22.67 -20.39
CA PHE A 302 21.56 23.99 -19.80
C PHE A 302 22.72 24.79 -20.37
N ASP A 303 22.33 25.83 -21.08
CA ASP A 303 23.23 26.68 -21.82
C ASP A 303 24.18 25.82 -22.63
N PRO A 304 23.62 24.84 -23.36
CA PRO A 304 24.56 24.02 -24.10
C PRO A 304 25.34 24.84 -25.10
N ASP A 305 26.56 24.38 -25.32
CA ASP A 305 27.36 24.85 -26.43
C ASP A 305 27.03 24.08 -27.70
N SER A 306 27.82 24.40 -28.72
CA SER A 306 27.55 24.04 -30.10
C SER A 306 27.72 22.53 -30.30
N GLU A 307 28.81 22.00 -29.78
CA GLU A 307 29.14 20.59 -30.03
C GLU A 307 28.18 19.71 -29.22
N GLN A 308 27.71 20.28 -28.11
CA GLN A 308 26.79 19.56 -27.23
C GLN A 308 25.42 19.41 -27.91
N GLN A 309 24.98 20.48 -28.51
CA GLN A 309 23.71 20.49 -29.26
C GLN A 309 23.80 19.56 -30.48
N LYS A 310 24.97 19.57 -31.10
CA LYS A 310 25.20 18.80 -32.31
C LYS A 310 25.12 17.31 -31.98
N ASN A 311 25.76 16.97 -30.87
CA ASN A 311 25.82 15.55 -30.44
C ASN A 311 24.45 15.08 -30.05
N TYR A 312 23.71 15.97 -29.38
CA TYR A 312 22.37 15.64 -28.90
C TYR A 312 21.43 15.50 -30.09
N SER A 313 21.56 16.39 -31.07
CA SER A 313 20.74 16.27 -32.29
C SER A 313 21.04 15.00 -33.10
N PHE A 314 22.31 14.62 -33.12
CA PHE A 314 22.73 13.38 -33.79
C PHE A 314 22.14 12.14 -33.10
N LEU A 315 21.95 12.25 -31.80
CA LEU A 315 21.44 11.12 -31.01
C LEU A 315 19.97 10.97 -31.35
N VAL A 316 19.31 12.10 -31.48
CA VAL A 316 17.88 12.11 -31.81
C VAL A 316 17.64 11.47 -33.17
N ALA A 317 18.53 11.83 -34.09
CA ALA A 317 18.46 11.35 -35.47
C ALA A 317 18.72 9.86 -35.48
N LEU A 318 19.62 9.43 -34.60
CA LEU A 318 20.02 8.01 -34.52
C LEU A 318 18.89 7.20 -33.97
N GLN A 319 18.26 7.71 -32.93
CA GLN A 319 17.12 7.03 -32.34
C GLN A 319 15.96 6.87 -33.34
N LYS A 320 15.74 7.90 -34.13
CA LYS A 320 14.77 7.84 -35.25
C LYS A 320 14.97 6.68 -36.23
N LYS A 321 16.22 6.50 -36.57
CA LYS A 321 16.66 5.42 -37.48
C LYS A 321 16.44 4.11 -36.71
N LEU A 322 16.72 4.14 -35.40
CA LEU A 322 16.50 2.98 -34.52
C LEU A 322 15.04 2.50 -34.58
N PHE A 323 14.12 3.42 -34.37
CA PHE A 323 12.69 3.09 -34.48
C PHE A 323 12.36 2.42 -35.82
N GLU A 324 12.78 3.07 -36.87
CA GLU A 324 12.57 2.58 -38.22
C GLU A 324 13.09 1.13 -38.43
N TYR A 325 14.17 0.78 -37.78
CA TYR A 325 14.78 -0.54 -37.98
C TYR A 325 14.05 -1.64 -37.18
N CYS A 326 13.22 -1.18 -36.27
CA CYS A 326 12.57 -2.04 -35.30
C CYS A 326 11.25 -2.46 -35.89
N ARG A 327 11.34 -3.37 -36.83
CA ARG A 327 10.16 -3.89 -37.44
C ARG A 327 10.11 -5.40 -37.47
N ASP A 328 8.89 -5.86 -37.70
CA ASP A 328 8.61 -7.29 -37.76
C ASP A 328 9.58 -7.93 -38.74
N GLY A 329 10.20 -9.03 -38.31
CA GLY A 329 11.12 -9.81 -39.17
C GLY A 329 12.58 -9.34 -39.12
N ALA A 330 12.82 -8.24 -38.46
CA ALA A 330 14.19 -7.75 -38.29
C ALA A 330 14.94 -8.57 -37.28
N VAL A 331 16.18 -8.94 -37.60
CA VAL A 331 17.09 -9.61 -36.67
C VAL A 331 17.67 -8.58 -35.70
N ILE A 332 17.55 -8.87 -34.42
CA ILE A 332 17.90 -7.86 -33.40
C ILE A 332 19.35 -7.36 -33.51
N GLY A 333 20.24 -8.29 -33.76
CA GLY A 333 21.67 -7.98 -33.80
C GLY A 333 21.98 -7.16 -35.03
N ASP A 334 21.20 -7.35 -36.08
CA ASP A 334 21.39 -6.51 -37.30
C ASP A 334 21.08 -5.07 -36.97
N ILE A 335 20.06 -4.88 -36.16
CA ILE A 335 19.60 -3.52 -35.82
C ILE A 335 20.73 -2.76 -35.11
N TYR A 336 21.33 -3.39 -34.10
CA TYR A 336 22.48 -2.81 -33.37
C TYR A 336 23.63 -2.41 -34.33
N THR A 337 24.02 -3.39 -35.10
CA THR A 337 25.12 -3.24 -36.06
C THR A 337 24.85 -2.16 -37.11
N LYS A 338 23.60 -2.06 -37.53
CA LYS A 338 23.22 -1.05 -38.51
C LYS A 338 23.32 0.32 -37.90
N ILE A 339 22.95 0.47 -36.63
CA ILE A 339 23.09 1.75 -35.91
C ILE A 339 24.58 2.12 -35.71
N LEU A 340 25.35 1.15 -35.26
CA LEU A 340 26.81 1.31 -35.16
C LEU A 340 27.34 1.75 -36.51
N GLY A 341 26.76 1.19 -37.55
CA GLY A 341 27.24 1.47 -38.91
C GLY A 341 26.95 2.89 -39.33
N LEU A 342 25.87 3.43 -38.79
CA LEU A 342 25.45 4.80 -39.09
C LEU A 342 26.46 5.76 -38.43
N ILE A 343 26.90 5.37 -37.23
CA ILE A 343 27.90 6.12 -36.49
C ILE A 343 29.19 6.18 -37.29
N ARG A 344 29.59 5.04 -37.82
CA ARG A 344 30.90 4.92 -38.46
C ARG A 344 30.90 5.67 -39.78
N ALA A 345 29.71 5.88 -40.30
CA ALA A 345 29.55 6.52 -41.60
C ALA A 345 29.53 8.03 -41.46
N LYS A 346 29.01 8.52 -40.35
CA LYS A 346 28.70 9.95 -40.20
C LYS A 346 29.41 10.60 -39.04
N ARG A 347 29.59 9.84 -37.97
CA ARG A 347 30.26 10.33 -36.75
C ARG A 347 31.13 9.27 -36.10
N PRO A 348 32.16 8.81 -36.81
CA PRO A 348 33.07 7.75 -36.37
C PRO A 348 33.74 8.09 -35.03
N ASP A 349 33.88 9.38 -34.80
CA ASP A 349 34.57 9.90 -33.61
C ASP A 349 33.80 9.51 -32.35
N LEU A 350 32.52 9.20 -32.54
CA LEU A 350 31.58 9.00 -31.45
C LEU A 350 31.51 7.52 -31.07
N GLU A 351 32.16 6.69 -31.87
CA GLU A 351 32.03 5.23 -31.65
C GLU A 351 32.53 4.77 -30.26
N PRO A 352 33.68 5.27 -29.80
CA PRO A 352 34.12 4.82 -28.48
C PRO A 352 33.16 5.18 -27.36
N ASN A 353 32.26 6.11 -27.65
CA ASN A 353 31.32 6.68 -26.64
C ASN A 353 29.96 6.01 -26.61
N PHE A 354 29.78 5.15 -27.58
CA PHE A 354 28.48 4.50 -27.87
C PHE A 354 28.18 3.33 -26.94
N VAL A 355 26.92 3.32 -26.52
CA VAL A 355 26.39 2.22 -25.70
C VAL A 355 26.54 0.87 -26.38
N ARG A 356 26.64 -0.16 -25.52
CA ARG A 356 26.97 -1.50 -25.96
C ARG A 356 25.73 -2.32 -26.27
N ASN A 357 24.62 -1.73 -25.91
CA ASN A 357 23.32 -2.30 -26.20
C ASN A 357 22.31 -1.21 -26.15
N LEU A 358 21.16 -1.52 -26.72
CA LEU A 358 20.16 -0.50 -27.01
C LEU A 358 18.89 -0.80 -26.25
N GLY A 359 19.08 -1.52 -25.15
CA GLY A 359 18.00 -1.91 -24.26
C GLY A 359 17.52 -3.33 -24.47
N ALA A 360 16.26 -3.53 -24.11
CA ALA A 360 15.66 -4.86 -24.23
C ALA A 360 14.16 -4.86 -24.24
N GLY A 361 13.60 -6.04 -24.21
CA GLY A 361 12.16 -6.18 -24.12
C GLY A 361 11.66 -5.80 -22.73
N ILE A 362 10.38 -5.48 -22.71
CA ILE A 362 9.67 -5.00 -21.54
C ILE A 362 8.26 -5.56 -21.50
N GLY A 363 7.80 -5.86 -20.29
CA GLY A 363 6.38 -6.23 -20.10
C GLY A 363 6.06 -6.33 -18.65
N ILE A 364 5.70 -7.53 -18.22
CA ILE A 364 5.48 -7.86 -16.80
C ILE A 364 6.80 -7.66 -16.07
N GLU A 365 7.82 -8.26 -16.66
CA GLU A 365 9.26 -8.02 -16.38
C GLU A 365 9.77 -6.70 -16.93
N PHE A 366 10.52 -5.96 -16.13
CA PHE A 366 11.06 -4.67 -16.60
C PHE A 366 12.04 -4.94 -17.77
N ARG A 367 12.68 -6.10 -17.70
CA ARG A 367 13.68 -6.51 -18.69
CA ARG A 367 13.72 -6.52 -18.67
C ARG A 367 13.52 -7.97 -19.12
N GLU A 368 13.21 -8.12 -20.39
CA GLU A 368 13.16 -9.43 -21.03
C GLU A 368 14.50 -9.60 -21.71
N SER A 369 15.38 -10.36 -21.07
CA SER A 369 16.78 -10.37 -21.47
C SER A 369 17.01 -11.12 -22.76
N SER A 370 16.02 -11.93 -23.17
CA SER A 370 16.05 -12.64 -24.45
C SER A 370 16.05 -11.67 -25.63
N LEU A 371 15.65 -10.43 -25.34
CA LEU A 371 15.45 -9.40 -26.39
C LEU A 371 16.39 -8.22 -26.22
N LEU A 372 17.45 -8.47 -25.49
CA LEU A 372 18.61 -7.60 -25.43
C LEU A 372 19.08 -7.18 -26.80
N VAL A 373 19.04 -5.87 -27.05
CA VAL A 373 19.39 -5.32 -28.37
C VAL A 373 20.88 -5.05 -28.42
N ASN A 374 21.63 -6.11 -28.67
CA ASN A 374 23.07 -5.98 -28.92
C ASN A 374 23.45 -6.73 -30.17
N ALA A 375 24.73 -6.68 -30.51
CA ALA A 375 25.23 -7.22 -31.78
C ALA A 375 24.97 -8.72 -31.92
N LYS A 376 24.99 -9.45 -30.80
CA LYS A 376 25.03 -10.93 -30.85
C LYS A 376 23.67 -11.56 -30.88
N ASN A 377 22.62 -10.78 -30.63
CA ASN A 377 21.27 -11.38 -30.59
C ASN A 377 20.75 -11.82 -31.97
N PRO A 378 20.51 -13.15 -32.16
CA PRO A 378 20.07 -13.68 -33.43
C PRO A 378 18.57 -13.72 -33.57
N ARG A 379 17.87 -13.36 -32.51
CA ARG A 379 16.42 -13.36 -32.51
C ARG A 379 15.82 -12.30 -33.38
N VAL A 380 14.60 -12.60 -33.79
CA VAL A 380 13.84 -11.84 -34.77
C VAL A 380 12.65 -11.17 -34.09
N LEU A 381 12.52 -9.86 -34.33
CA LEU A 381 11.40 -9.05 -33.82
C LEU A 381 10.13 -9.46 -34.54
N GLN A 382 9.06 -9.45 -33.79
CA GLN A 382 7.73 -9.77 -34.27
C GLN A 382 6.74 -8.74 -33.83
N ALA A 383 5.72 -8.55 -34.64
CA ALA A 383 4.57 -7.73 -34.24
C ALA A 383 4.00 -8.15 -32.89
N GLY A 384 3.87 -7.16 -32.02
CA GLY A 384 3.29 -7.33 -30.70
C GLY A 384 4.30 -7.38 -29.57
N MSE A 385 5.56 -7.47 -29.94
CA MSE A 385 6.62 -7.32 -28.94
C MSE A 385 6.73 -5.86 -28.51
O MSE A 385 6.37 -4.95 -29.27
CB MSE A 385 7.97 -7.77 -29.52
CG MSE A 385 8.12 -9.24 -29.72
SE MSE A 385 9.93 -9.63 -30.30
CE MSE A 385 9.65 -11.52 -30.57
N THR A 386 7.21 -5.67 -27.30
CA THR A 386 7.44 -4.34 -26.73
C THR A 386 8.88 -4.19 -26.25
N LEU A 387 9.47 -3.05 -26.59
CA LEU A 387 10.86 -2.81 -26.28
C LEU A 387 11.02 -1.60 -25.41
N ASN A 388 11.92 -1.74 -24.46
CA ASN A 388 12.42 -0.65 -23.64
C ASN A 388 13.76 -0.24 -24.26
N LEU A 389 13.68 0.72 -25.18
CA LEU A 389 14.78 1.10 -26.08
C LEU A 389 15.53 2.24 -25.47
N SER A 390 16.82 2.02 -25.33
CA SER A 390 17.76 2.96 -24.74
C SER A 390 18.87 3.24 -25.74
N ILE A 391 19.20 4.51 -25.95
CA ILE A 391 20.29 4.89 -26.82
C ILE A 391 21.04 6.13 -26.25
N GLY A 392 22.35 6.11 -26.31
CA GLY A 392 23.09 7.22 -25.72
C GLY A 392 24.56 7.14 -25.96
N PHE A 393 25.23 8.12 -25.40
CA PHE A 393 26.68 8.31 -25.54
C PHE A 393 27.27 8.71 -24.21
N GLY A 394 28.36 8.07 -23.83
CA GLY A 394 28.98 8.41 -22.56
C GLY A 394 30.36 8.97 -22.68
N ASN A 395 30.76 9.65 -21.62
CA ASN A 395 32.13 10.11 -21.44
C ASN A 395 32.53 11.06 -22.53
N LEU A 396 31.57 11.89 -22.90
CA LEU A 396 31.80 12.96 -23.86
C LEU A 396 32.55 14.09 -23.16
N ILE A 397 33.74 14.33 -23.66
CA ILE A 397 34.65 15.30 -23.06
C ILE A 397 34.44 16.72 -23.60
N ASN A 398 34.22 17.63 -22.66
CA ASN A 398 34.08 19.06 -22.95
C ASN A 398 35.43 19.70 -23.27
N PRO A 399 35.58 20.25 -24.48
CA PRO A 399 36.85 20.70 -25.04
C PRO A 399 37.43 21.86 -24.28
N HIS A 400 36.65 22.92 -24.24
CA HIS A 400 37.01 24.13 -23.48
C HIS A 400 35.99 24.45 -22.41
N PRO A 401 36.27 24.06 -21.15
CA PRO A 401 35.47 24.51 -20.03
C PRO A 401 36.21 25.43 -19.08
N LYS A 402 35.65 26.61 -18.87
CA LYS A 402 36.08 27.45 -17.75
C LYS A 402 35.84 26.56 -16.55
N ASN A 403 36.56 26.76 -15.44
CA ASN A 403 36.62 25.71 -14.41
C ASN A 403 35.52 25.74 -13.34
N SER A 404 34.43 26.37 -13.73
CA SER A 404 33.17 26.28 -12.98
C SER A 404 32.31 25.19 -13.61
N GLN A 405 32.94 24.41 -14.48
CA GLN A 405 32.22 23.51 -15.37
C GLN A 405 32.71 22.08 -15.37
N SER A 406 31.76 21.19 -15.68
CA SER A 406 31.99 19.73 -15.82
C SER A 406 32.86 19.39 -17.02
N LYS A 407 33.73 18.43 -16.77
CA LYS A 407 34.74 18.00 -17.74
C LYS A 407 34.09 17.13 -18.80
N GLU A 408 33.06 16.40 -18.37
CA GLU A 408 32.38 15.40 -19.22
C GLU A 408 30.89 15.45 -19.12
N TYR A 409 30.27 14.98 -20.18
CA TYR A 409 28.84 14.76 -20.18
C TYR A 409 28.45 13.49 -20.90
N ALA A 410 27.18 13.18 -20.75
CA ALA A 410 26.54 12.08 -21.47
C ALA A 410 25.22 12.52 -21.96
N LEU A 411 24.75 11.71 -22.89
CA LEU A 411 23.49 11.92 -23.58
C LEU A 411 22.70 10.63 -23.63
N LEU A 412 21.40 10.74 -23.38
CA LEU A 412 20.47 9.58 -23.29
C LEU A 412 19.06 9.82 -23.75
N LEU A 413 18.55 8.81 -24.46
CA LEU A 413 17.14 8.73 -24.85
C LEU A 413 16.62 7.31 -24.65
N ILE A 414 15.54 7.22 -23.89
CA ILE A 414 14.75 5.99 -23.70
C ILE A 414 13.30 6.22 -24.06
N ASP A 415 12.77 5.27 -24.80
CA ASP A 415 11.33 5.19 -25.05
C ASP A 415 10.86 3.72 -25.07
N THR A 416 9.59 3.56 -24.80
CA THR A 416 8.87 2.26 -24.88
C THR A 416 8.05 2.20 -26.13
N ILE A 417 8.31 1.14 -26.91
CA ILE A 417 7.75 0.99 -28.26
C ILE A 417 7.16 -0.37 -28.44
N GLN A 418 6.20 -0.40 -29.33
CA GLN A 418 5.55 -1.60 -29.77
C GLN A 418 5.90 -1.87 -31.21
N ILE A 419 6.37 -3.11 -31.43
CA ILE A 419 6.65 -3.65 -32.77
C ILE A 419 5.30 -3.96 -33.42
N THR A 420 5.15 -3.47 -34.64
CA THR A 420 3.95 -3.67 -35.45
C THR A 420 4.32 -4.35 -36.78
N ARG A 421 3.36 -4.39 -37.71
CA ARG A 421 3.61 -4.96 -39.04
C ARG A 421 4.12 -3.87 -39.93
N SER A 422 4.35 -2.70 -39.32
CA SER A 422 4.95 -1.52 -40.01
C SER A 422 5.90 -0.72 -39.10
N ASP A 423 5.83 0.62 -39.15
CA ASP A 423 6.58 1.47 -38.21
C ASP A 423 6.13 1.16 -36.77
N PRO A 424 7.06 1.19 -35.80
CA PRO A 424 6.65 0.97 -34.40
C PRO A 424 5.81 2.08 -33.85
N ILE A 425 5.08 1.76 -32.79
CA ILE A 425 4.40 2.78 -31.94
C ILE A 425 5.26 3.19 -30.76
N VAL A 426 5.51 4.48 -30.68
CA VAL A 426 6.35 5.02 -29.62
C VAL A 426 5.46 5.57 -28.51
N PHE A 427 5.15 4.72 -27.54
CA PHE A 427 4.09 5.03 -26.57
C PHE A 427 4.48 6.25 -25.73
N THR A 428 5.79 6.39 -25.51
CA THR A 428 6.33 7.39 -24.57
C THR A 428 6.83 8.64 -25.27
N ASP A 429 6.34 8.85 -26.47
CA ASP A 429 6.84 9.93 -27.31
C ASP A 429 6.46 11.25 -26.74
N SER A 430 7.40 12.17 -26.88
CA SER A 430 7.28 13.59 -26.51
C SER A 430 8.33 14.45 -27.27
N PRO A 431 8.08 15.77 -27.40
CA PRO A 431 9.08 16.56 -28.13
C PRO A 431 10.47 16.48 -27.51
N LYS A 432 11.42 16.02 -28.33
CA LYS A 432 12.81 15.79 -27.91
C LYS A 432 13.85 16.50 -28.80
N ALA A 433 13.38 17.47 -29.57
CA ALA A 433 14.26 18.30 -30.41
C ALA A 433 15.13 19.16 -29.50
N GLN A 434 16.32 19.52 -29.97
CA GLN A 434 17.27 20.19 -29.07
C GLN A 434 16.58 21.39 -28.42
N GLY A 435 15.75 22.04 -29.22
CA GLY A 435 15.07 23.26 -28.79
C GLY A 435 14.03 23.00 -27.72
N ASP A 436 13.60 21.75 -27.61
CA ASP A 436 12.55 21.40 -26.66
C ASP A 436 13.17 21.19 -25.28
N ILE A 437 14.43 20.80 -25.27
CA ILE A 437 15.05 20.26 -24.06
C ILE A 437 16.23 21.07 -23.61
N SER A 438 16.34 22.26 -24.22
CA SER A 438 17.45 23.18 -23.96
C SER A 438 16.94 24.38 -23.21
N TYR A 439 17.66 24.78 -22.17
CA TYR A 439 17.31 26.01 -21.43
C TYR A 439 18.48 26.98 -21.35
N PHE A 440 18.20 28.25 -21.58
CA PHE A 440 19.26 29.24 -21.59
C PHE A 440 19.01 30.28 -20.51
N PHE A 441 20.03 30.49 -19.68
CA PHE A 441 19.96 31.45 -18.59
C PHE A 441 19.38 32.75 -19.08
N GLY A 442 18.45 33.30 -18.32
CA GLY A 442 17.88 34.59 -18.68
C GLY A 442 16.58 34.40 -19.42
N GLU A 443 16.24 33.14 -19.61
CA GLU A 443 14.89 32.74 -20.02
C GLU A 443 14.71 32.63 -21.52
N ASP A 444 15.77 32.98 -22.23
CA ASP A 444 15.80 33.01 -23.69
C ASP A 444 14.53 32.57 -24.39
N ALA B 2 0.09 -7.02 -3.72
CA ALA B 2 0.49 -7.96 -2.62
C ALA B 2 -0.75 -8.65 -2.06
N MSE B 3 -0.96 -9.88 -2.53
CA MSE B 3 -2.15 -10.68 -2.18
C MSE B 3 -2.10 -11.33 -0.81
O MSE B 3 -1.31 -12.23 -0.54
CB MSE B 3 -2.40 -11.79 -3.21
CG MSE B 3 -3.60 -12.65 -2.85
SE MSE B 3 -3.70 -14.20 -4.01
CE MSE B 3 -3.28 -13.30 -5.69
N ALA B 4 -3.01 -10.85 0.02
CA ALA B 4 -3.14 -11.32 1.39
C ALA B 4 -3.73 -12.72 1.43
N GLU B 5 -3.34 -13.42 2.48
CA GLU B 5 -4.03 -14.63 2.89
C GLU B 5 -5.02 -14.21 3.95
N TYR B 6 -6.30 -14.36 3.66
CA TYR B 6 -7.32 -14.09 4.66
C TYR B 6 -7.77 -15.40 5.28
N GLU B 7 -7.98 -15.34 6.58
CA GLU B 7 -8.54 -16.45 7.34
C GLU B 7 -9.72 -15.94 8.16
N ILE B 8 -10.92 -16.19 7.66
CA ILE B 8 -12.13 -15.79 8.39
C ILE B 8 -12.35 -16.74 9.52
N ASP B 9 -12.42 -16.17 10.72
CA ASP B 9 -12.62 -16.96 11.93
C ASP B 9 -14.10 -17.10 12.26
N GLU B 10 -14.62 -18.22 11.79
CA GLU B 10 -16.05 -18.56 11.88
C GLU B 10 -16.57 -18.60 13.32
N ILE B 11 -15.70 -19.03 14.21
CA ILE B 11 -16.04 -19.09 15.62
C ILE B 11 -16.36 -17.70 16.10
N THR B 12 -15.38 -16.83 15.90
CA THR B 12 -15.47 -15.44 16.40
C THR B 12 -16.65 -14.73 15.74
N PHE B 13 -16.92 -15.10 14.51
CA PHE B 13 -18.05 -14.50 13.76
C PHE B 13 -19.33 -14.84 14.46
N HIS B 14 -19.54 -16.13 14.64
CA HIS B 14 -20.80 -16.63 15.23
C HIS B 14 -20.93 -16.24 16.68
N LYS B 15 -19.78 -16.07 17.34
CA LYS B 15 -19.76 -15.64 18.74
C LYS B 15 -20.26 -14.21 18.90
N ARG B 16 -19.84 -13.38 17.96
CA ARG B 16 -20.08 -11.93 18.02
C ARG B 16 -21.43 -11.61 17.43
N LEU B 17 -21.75 -12.30 16.35
CA LEU B 17 -23.09 -12.23 15.80
C LEU B 17 -24.12 -12.58 16.88
N GLY B 18 -23.73 -13.43 17.80
CA GLY B 18 -24.63 -13.88 18.86
C GLY B 18 -24.79 -12.85 19.97
N ILE B 19 -23.69 -12.19 20.24
CA ILE B 19 -23.68 -11.11 21.23
C ILE B 19 -24.66 -10.03 20.78
N LEU B 20 -24.47 -9.60 19.55
CA LEU B 20 -25.29 -8.54 18.91
C LEU B 20 -26.76 -8.94 18.89
N LEU B 21 -26.97 -10.12 18.36
CA LEU B 21 -28.30 -10.69 18.15
C LEU B 21 -29.02 -10.83 19.47
N THR B 22 -28.23 -11.10 20.50
CA THR B 22 -28.74 -11.27 21.87
C THR B 22 -29.24 -9.96 22.44
N SER B 23 -28.47 -8.90 22.21
CA SER B 23 -28.86 -7.58 22.70
C SER B 23 -30.11 -7.13 21.95
N TRP B 24 -29.99 -7.15 20.64
CA TRP B 24 -31.10 -6.84 19.74
C TRP B 24 -32.40 -7.42 20.27
N LYS B 25 -32.32 -8.72 20.52
CA LYS B 25 -33.47 -9.54 20.93
C LYS B 25 -33.92 -9.23 22.34
N ASN B 26 -33.04 -8.63 23.11
CA ASN B 26 -33.42 -8.21 24.46
C ASN B 26 -34.59 -7.27 24.32
N GLU B 27 -35.48 -7.31 25.30
CA GLU B 27 -36.73 -6.56 25.21
C GLU B 27 -36.40 -5.06 25.27
N GLU B 28 -35.61 -4.65 26.26
CA GLU B 28 -35.29 -3.23 26.43
C GLU B 28 -34.34 -2.72 25.38
N ASP B 29 -33.31 -3.49 25.09
CA ASP B 29 -32.24 -3.06 24.16
C ASP B 29 -32.81 -2.87 22.77
N GLY B 30 -33.68 -3.80 22.39
CA GLY B 30 -34.21 -3.83 21.03
C GLY B 30 -34.95 -2.55 20.80
N LYS B 31 -35.48 -2.03 21.88
CA LYS B 31 -36.40 -0.90 21.83
C LYS B 31 -35.59 0.38 21.88
N THR B 32 -34.55 0.36 22.70
CA THR B 32 -33.82 1.58 23.04
C THR B 32 -32.62 1.82 22.14
N LEU B 33 -31.84 0.76 21.94
CA LEU B 33 -30.53 0.89 21.28
C LEU B 33 -30.66 0.67 19.77
N PHE B 34 -31.64 -0.17 19.43
CA PHE B 34 -31.89 -0.64 18.07
C PHE B 34 -33.14 0.05 17.50
N GLN B 35 -33.71 0.91 18.34
CA GLN B 35 -34.88 1.75 18.02
C GLN B 35 -36.00 0.93 17.38
N ASP B 36 -36.11 -0.29 17.87
CA ASP B 36 -37.24 -1.15 17.57
C ASP B 36 -37.30 -1.62 16.11
N CYS B 37 -36.15 -1.59 15.43
CA CYS B 37 -36.08 -2.11 14.05
C CYS B 37 -36.09 -3.62 14.03
N ASP B 38 -36.60 -4.12 12.92
CA ASP B 38 -36.67 -5.56 12.62
C ASP B 38 -35.50 -5.96 11.75
N SER B 39 -34.90 -4.98 11.11
CA SER B 39 -33.71 -5.21 10.29
C SER B 39 -32.72 -4.08 10.43
N ILE B 40 -31.51 -4.42 10.00
CA ILE B 40 -30.34 -3.54 10.02
C ILE B 40 -29.62 -3.65 8.69
N LEU B 41 -29.59 -2.52 8.00
CA LEU B 41 -29.02 -2.38 6.66
C LEU B 41 -27.69 -1.67 6.72
N VAL B 42 -26.67 -2.40 6.29
CA VAL B 42 -25.29 -1.91 6.28
C VAL B 42 -24.71 -2.02 4.87
N THR B 43 -24.40 -0.87 4.28
CA THR B 43 -23.76 -0.80 2.97
C THR B 43 -22.37 -0.22 3.05
N VAL B 44 -21.46 -0.92 2.38
CA VAL B 44 -20.05 -0.52 2.27
C VAL B 44 -19.66 -0.45 0.82
N GLY B 45 -19.20 0.72 0.41
CA GLY B 45 -18.87 0.96 -0.98
C GLY B 45 -17.41 0.70 -1.27
N ALA B 46 -16.90 1.49 -2.18
CA ALA B 46 -15.49 1.41 -2.60
C ALA B 46 -14.62 1.90 -1.45
N HIS B 47 -13.42 1.32 -1.40
CA HIS B 47 -12.49 1.61 -0.33
C HIS B 47 -11.97 3.01 -0.40
N ASP B 48 -12.07 3.67 0.74
CA ASP B 48 -11.74 5.10 0.85
C ASP B 48 -10.76 5.32 2.00
N ASP B 49 -9.67 6.00 1.67
CA ASP B 49 -8.52 6.18 2.57
C ASP B 49 -8.80 7.33 3.52
N THR B 50 -9.87 8.01 3.19
CA THR B 50 -10.25 9.28 3.81
C THR B 50 -11.06 9.11 5.08
N ASN B 51 -11.85 8.04 5.15
CA ASN B 51 -12.62 7.72 6.37
C ASN B 51 -12.48 6.26 6.81
N PRO B 52 -11.35 5.94 7.48
CA PRO B 52 -11.08 4.57 7.87
C PRO B 52 -11.96 4.10 9.02
N TYR B 53 -12.62 5.05 9.67
CA TYR B 53 -13.44 4.74 10.86
C TYR B 53 -14.93 5.01 10.65
N GLN B 54 -15.66 3.92 10.48
CA GLN B 54 -17.10 3.92 10.27
C GLN B 54 -17.72 2.75 11.00
N LYS B 55 -18.93 2.92 11.48
CA LYS B 55 -19.65 1.83 12.13
C LYS B 55 -19.76 0.66 11.16
N SER B 56 -19.96 0.98 9.88
CA SER B 56 -20.21 -0.04 8.85
CA SER B 56 -20.22 -0.05 8.85
C SER B 56 -19.00 -0.94 8.67
N THR B 57 -17.87 -0.29 8.54
CA THR B 57 -16.58 -0.96 8.35
C THR B 57 -16.12 -1.59 9.65
N ALA B 58 -16.55 -1.03 10.76
CA ALA B 58 -16.18 -1.55 12.09
C ALA B 58 -16.93 -2.84 12.31
N LEU B 59 -18.14 -2.90 11.76
CA LEU B 59 -18.97 -4.12 11.88
C LEU B 59 -18.30 -5.26 11.09
N HIS B 60 -17.81 -4.92 9.89
CA HIS B 60 -17.08 -5.90 9.04
C HIS B 60 -15.89 -6.48 9.78
N THR B 61 -15.15 -5.59 10.39
CA THR B 61 -13.91 -5.94 11.07
C THR B 61 -14.23 -6.83 12.24
N TRP B 62 -15.24 -6.43 12.98
CA TRP B 62 -15.66 -7.11 14.19
C TRP B 62 -16.16 -8.53 13.90
N LEU B 63 -16.97 -8.63 12.86
CA LEU B 63 -17.64 -9.89 12.52
C LEU B 63 -16.75 -10.79 11.68
N LEU B 64 -16.10 -10.20 10.68
CA LEU B 64 -15.41 -11.00 9.66
C LEU B 64 -13.92 -10.97 9.77
N GLY B 65 -13.43 -10.03 10.56
CA GLY B 65 -11.99 -9.79 10.70
C GLY B 65 -11.41 -9.00 9.55
N TYR B 66 -12.24 -8.67 8.58
CA TYR B 66 -11.80 -7.78 7.49
C TYR B 66 -12.95 -6.94 7.00
N GLU B 67 -12.58 -5.96 6.21
CA GLU B 67 -13.55 -5.08 5.57
C GLU B 67 -13.77 -5.60 4.18
N PHE B 68 -15.05 -5.81 3.86
CA PHE B 68 -15.43 -6.25 2.53
C PHE B 68 -16.06 -5.09 1.78
N PRO B 69 -15.29 -4.48 0.88
CA PRO B 69 -15.83 -3.40 0.06
C PRO B 69 -16.94 -3.88 -0.84
N SER B 70 -17.73 -2.91 -1.31
CA SER B 70 -18.80 -3.13 -2.28
C SER B 70 -19.66 -4.31 -1.85
N THR B 71 -20.09 -4.21 -0.60
CA THR B 71 -20.91 -5.25 -0.04
C THR B 71 -22.08 -4.70 0.80
N LEU B 72 -23.16 -5.47 0.82
CA LEU B 72 -24.39 -5.12 1.55
C LEU B 72 -24.74 -6.21 2.56
N ILE B 73 -25.08 -5.77 3.76
CA ILE B 73 -25.47 -6.65 4.83
C ILE B 73 -26.87 -6.26 5.32
N LEU B 74 -27.78 -7.23 5.32
CA LEU B 74 -29.06 -7.06 6.00
C LEU B 74 -29.13 -8.05 7.15
N LEU B 75 -29.05 -7.49 8.36
CA LEU B 75 -29.21 -8.25 9.58
C LEU B 75 -30.68 -8.31 9.90
N GLU B 76 -31.12 -9.51 10.26
CA GLU B 76 -32.42 -9.76 10.92
C GLU B 76 -32.15 -10.67 12.11
N LYS B 77 -33.10 -10.73 13.05
CA LYS B 77 -32.81 -11.24 14.41
C LYS B 77 -32.60 -12.73 14.34
N HIS B 78 -33.09 -13.25 13.23
CA HIS B 78 -33.08 -14.70 12.91
C HIS B 78 -32.01 -15.02 11.85
N ARG B 79 -31.66 -14.03 11.05
CA ARG B 79 -30.83 -14.25 9.87
C ARG B 79 -30.02 -13.06 9.45
N ILE B 80 -28.88 -13.37 8.85
CA ILE B 80 -27.98 -12.38 8.26
C ILE B 80 -27.73 -12.66 6.79
N THR B 81 -28.08 -11.67 5.98
CA THR B 81 -27.82 -11.68 4.55
C THR B 81 -26.61 -10.83 4.20
N ILE B 82 -25.68 -11.46 3.51
CA ILE B 82 -24.51 -10.76 2.99
C ILE B 82 -24.49 -10.85 1.47
N LEU B 83 -24.68 -9.70 0.85
CA LEU B 83 -24.71 -9.60 -0.62
C LEU B 83 -23.40 -9.01 -1.10
N THR B 84 -22.73 -9.74 -1.99
CA THR B 84 -21.42 -9.33 -2.44
C THR B 84 -20.92 -10.09 -3.68
N SER B 85 -19.62 -9.96 -3.91
CA SER B 85 -18.95 -10.61 -5.04
C SER B 85 -18.84 -12.10 -4.79
N VAL B 86 -18.77 -12.85 -5.88
CA VAL B 86 -18.65 -14.31 -5.79
C VAL B 86 -17.41 -14.68 -5.00
N ASN B 87 -16.27 -14.14 -5.41
CA ASN B 87 -15.02 -14.46 -4.71
C ASN B 87 -15.15 -14.25 -3.23
N LYS B 88 -15.55 -13.04 -2.88
CA LYS B 88 -15.74 -12.64 -1.48
C LYS B 88 -16.69 -13.56 -0.76
N ALA B 89 -17.74 -13.94 -1.49
CA ALA B 89 -18.81 -14.79 -0.97
C ALA B 89 -18.27 -16.15 -0.58
N ASN B 90 -17.30 -16.62 -1.37
CA ASN B 90 -16.78 -17.98 -1.22
C ASN B 90 -15.88 -18.06 0.02
N MSE B 91 -15.52 -16.88 0.48
CA MSE B 91 -14.68 -16.77 1.67
CA MSE B 91 -14.70 -16.75 1.66
C MSE B 91 -15.60 -16.83 2.87
O MSE B 91 -15.13 -16.93 4.01
CB MSE B 91 -13.87 -15.46 1.70
CB MSE B 91 -14.02 -15.40 1.64
CG MSE B 91 -12.56 -15.49 0.93
CG MSE B 91 -13.06 -15.19 0.48
SE MSE B 91 -11.16 -14.44 1.83
SE MSE B 91 -12.42 -13.35 0.31
CE MSE B 91 -10.58 -15.78 3.11
CE MSE B 91 -11.66 -13.42 -1.49
N LEU B 92 -16.88 -16.76 2.57
CA LEU B 92 -17.93 -16.64 3.60
C LEU B 92 -18.87 -17.82 3.66
N THR B 93 -18.86 -18.62 2.60
CA THR B 93 -19.78 -19.74 2.50
C THR B 93 -19.59 -20.63 3.73
N LYS B 94 -18.37 -20.62 4.23
CA LYS B 94 -17.99 -21.50 5.36
C LYS B 94 -18.69 -21.06 6.65
N LEU B 95 -19.35 -19.92 6.59
CA LEU B 95 -20.01 -19.35 7.78
C LEU B 95 -21.40 -19.95 7.91
N ALA B 96 -21.92 -20.38 6.77
CA ALA B 96 -23.26 -20.98 6.72
C ALA B 96 -23.22 -22.29 7.48
N GLU B 97 -22.02 -22.83 7.60
CA GLU B 97 -21.84 -24.16 8.18
C GLU B 97 -21.52 -24.03 9.66
N THR B 98 -20.22 -23.93 9.89
CA THR B 98 -19.65 -23.85 11.23
C THR B 98 -20.24 -24.91 12.13
N LYS B 99 -20.65 -24.43 13.30
CA LYS B 99 -21.10 -25.28 14.40
C LYS B 99 -21.33 -24.50 15.66
N GLY B 100 -22.57 -24.10 15.85
CA GLY B 100 -22.93 -23.21 16.95
C GLY B 100 -23.28 -21.86 16.38
N ALA B 101 -23.72 -21.90 15.13
CA ALA B 101 -24.19 -20.70 14.43
C ALA B 101 -25.18 -19.95 15.30
N ALA B 102 -25.06 -18.63 15.24
CA ALA B 102 -25.85 -17.71 16.06
C ALA B 102 -27.10 -17.38 15.28
N ALA B 103 -27.02 -17.64 13.99
CA ALA B 103 -28.13 -17.42 13.08
C ALA B 103 -27.90 -17.99 11.71
N ASP B 104 -28.97 -17.92 10.93
CA ASP B 104 -28.92 -18.32 9.53
C ASP B 104 -28.00 -17.34 8.87
N VAL B 105 -27.26 -17.83 7.88
CA VAL B 105 -26.41 -17.00 7.07
C VAL B 105 -26.77 -17.17 5.61
N ASN B 106 -27.58 -16.23 5.16
CA ASN B 106 -28.04 -16.12 3.77
C ASN B 106 -27.02 -15.32 2.95
N ILE B 107 -26.16 -16.04 2.24
CA ILE B 107 -25.09 -15.42 1.45
C ILE B 107 -25.54 -15.32 0.01
N LEU B 108 -25.61 -14.09 -0.48
CA LEU B 108 -26.07 -13.79 -1.84
C LEU B 108 -24.89 -13.39 -2.71
N LYS B 109 -24.81 -14.01 -3.87
CA LYS B 109 -23.69 -13.78 -4.78
C LYS B 109 -24.12 -12.96 -5.97
N ARG B 110 -23.32 -11.94 -6.23
CA ARG B 110 -23.53 -11.08 -7.40
C ARG B 110 -22.92 -11.75 -8.61
N THR B 111 -23.44 -11.38 -9.77
CA THR B 111 -23.01 -11.96 -11.04
C THR B 111 -22.54 -10.87 -11.99
N LYS B 112 -22.27 -11.25 -13.22
CA LYS B 112 -21.86 -10.27 -14.21
C LYS B 112 -23.08 -9.87 -15.01
N ASP B 113 -24.24 -10.27 -14.49
CA ASP B 113 -25.52 -10.00 -15.17
C ASP B 113 -26.36 -8.98 -14.43
N ALA B 114 -26.59 -7.86 -15.11
CA ALA B 114 -27.19 -6.66 -14.49
C ALA B 114 -28.56 -6.95 -13.91
N GLU B 115 -29.31 -7.77 -14.65
CA GLU B 115 -30.73 -7.97 -14.35
C GLU B 115 -30.87 -8.88 -13.15
N GLU B 116 -29.89 -9.76 -13.00
CA GLU B 116 -29.90 -10.74 -11.92
C GLU B 116 -29.35 -10.09 -10.67
N ASN B 117 -28.53 -9.09 -10.89
CA ASN B 117 -27.93 -8.31 -9.78
C ASN B 117 -29.00 -7.42 -9.17
N LYS B 118 -29.88 -6.95 -10.04
CA LYS B 118 -31.01 -6.09 -9.62
C LYS B 118 -31.98 -6.90 -8.77
N LYS B 119 -32.27 -8.10 -9.23
CA LYS B 119 -33.20 -8.98 -8.53
C LYS B 119 -32.61 -9.35 -7.18
N LEU B 120 -31.29 -9.29 -7.10
CA LEU B 120 -30.57 -9.59 -5.84
C LEU B 120 -30.81 -8.50 -4.82
N PHE B 121 -30.84 -7.27 -5.33
CA PHE B 121 -31.14 -6.09 -4.51
C PHE B 121 -32.60 -6.07 -4.13
N GLU B 122 -33.44 -6.42 -5.10
CA GLU B 122 -34.90 -6.35 -4.93
C GLU B 122 -35.27 -7.35 -3.87
N LYS B 123 -34.38 -8.33 -3.74
CA LYS B 123 -34.58 -9.46 -2.83
C LYS B 123 -34.45 -9.03 -1.38
N ILE B 124 -33.56 -8.06 -1.11
CA ILE B 124 -33.39 -7.59 0.28
C ILE B 124 -34.55 -6.63 0.61
N ILE B 125 -35.10 -6.02 -0.44
CA ILE B 125 -36.29 -5.16 -0.34
C ILE B 125 -37.52 -6.00 0.02
N GLU B 126 -37.54 -7.21 -0.52
CA GLU B 126 -38.56 -8.21 -0.19
C GLU B 126 -38.50 -8.58 1.27
N TYR B 127 -37.27 -8.72 1.76
CA TYR B 127 -37.06 -9.16 3.15
C TYR B 127 -37.59 -8.10 4.09
N ILE B 128 -37.34 -6.84 3.71
CA ILE B 128 -37.63 -5.69 4.57
C ILE B 128 -39.12 -5.49 4.65
N ARG B 129 -39.79 -5.78 3.54
CA ARG B 129 -41.23 -5.54 3.43
C ARG B 129 -42.00 -6.48 4.31
N ALA B 130 -41.37 -7.62 4.60
CA ALA B 130 -42.00 -8.67 5.38
C ALA B 130 -41.75 -8.44 6.86
N THR B 131 -41.32 -7.23 7.20
CA THR B 131 -41.02 -6.85 8.60
C THR B 131 -41.89 -5.69 9.09
N ASN B 132 -41.56 -5.18 10.28
CA ASN B 132 -42.28 -4.01 10.82
C ASN B 132 -41.84 -2.79 10.01
N LYS B 133 -41.04 -3.09 8.99
CA LYS B 133 -40.43 -2.09 8.12
C LYS B 133 -39.70 -0.95 8.84
N LYS B 134 -39.33 -1.19 10.09
CA LYS B 134 -38.42 -0.28 10.76
C LYS B 134 -37.00 -0.78 10.49
N VAL B 135 -36.20 0.08 9.84
CA VAL B 135 -34.84 -0.28 9.35
C VAL B 135 -33.73 0.49 10.05
N GLY B 136 -33.00 -0.23 10.90
CA GLY B 136 -31.80 0.33 11.53
C GLY B 136 -30.67 0.65 10.57
N VAL B 137 -30.15 1.86 10.72
CA VAL B 137 -28.99 2.29 9.97
C VAL B 137 -27.97 3.00 10.86
N PHE B 138 -26.80 3.21 10.28
CA PHE B 138 -25.73 4.01 10.91
C PHE B 138 -25.61 5.29 10.08
N PRO B 139 -26.34 6.33 10.48
CA PRO B 139 -26.57 7.47 9.58
C PRO B 139 -25.36 8.38 9.34
N LYS B 140 -24.30 8.22 10.13
CA LYS B 140 -23.15 9.14 10.06
C LYS B 140 -22.17 8.65 9.02
N ASP B 141 -22.44 7.44 8.56
CA ASP B 141 -21.56 6.76 7.60
C ASP B 141 -21.76 7.27 6.19
N LYS B 142 -20.64 7.46 5.52
CA LYS B 142 -20.57 7.98 4.17
C LYS B 142 -19.89 6.96 3.28
N THR B 143 -20.56 6.56 2.22
CA THR B 143 -19.95 5.62 1.28
C THR B 143 -20.20 6.02 -0.16
N GLN B 144 -19.29 5.57 -1.01
CA GLN B 144 -19.37 5.86 -2.45
C GLN B 144 -18.96 4.69 -3.34
N GLY B 145 -19.46 4.74 -4.55
CA GLY B 145 -19.02 3.86 -5.63
C GLY B 145 -20.11 3.32 -6.51
N LYS B 146 -19.71 2.44 -7.40
CA LYS B 146 -20.63 1.85 -8.37
C LYS B 146 -21.66 0.98 -7.70
N PHE B 147 -21.21 0.25 -6.70
CA PHE B 147 -22.07 -0.73 -6.02
C PHE B 147 -23.16 0.02 -5.24
N ILE B 148 -22.75 1.17 -4.72
CA ILE B 148 -23.62 2.03 -3.92
C ILE B 148 -24.63 2.65 -4.85
N ASN B 149 -24.16 3.02 -6.03
CA ASN B 149 -25.02 3.65 -7.03
C ASN B 149 -26.15 2.72 -7.47
N GLU B 150 -25.81 1.47 -7.67
CA GLU B 150 -26.79 0.46 -8.09
C GLU B 150 -27.89 0.30 -7.05
N TRP B 151 -27.43 0.19 -5.82
CA TRP B 151 -28.30 0.01 -4.67
C TRP B 151 -29.22 1.22 -4.54
N ASP B 152 -28.65 2.39 -4.73
CA ASP B 152 -29.40 3.63 -4.48
C ASP B 152 -30.57 3.74 -5.44
N SER B 153 -30.34 3.36 -6.68
CA SER B 153 -31.30 3.64 -7.75
C SER B 153 -32.41 2.62 -7.66
N ILE B 154 -32.18 1.68 -6.77
CA ILE B 154 -33.14 0.61 -6.51
C ILE B 154 -33.91 0.93 -5.23
N PHE B 155 -33.17 1.32 -4.20
CA PHE B 155 -33.73 1.49 -2.85
C PHE B 155 -34.41 2.84 -2.67
N GLU B 156 -33.87 3.81 -3.38
CA GLU B 156 -34.24 5.21 -3.15
C GLU B 156 -35.70 5.52 -3.50
N PRO B 157 -36.22 4.90 -4.56
CA PRO B 157 -37.60 5.16 -4.92
C PRO B 157 -38.60 4.44 -4.02
N VAL B 158 -38.11 3.38 -3.41
CA VAL B 158 -38.93 2.41 -2.66
C VAL B 158 -38.83 2.79 -1.19
N LYS B 159 -38.06 3.85 -0.99
CA LYS B 159 -37.46 4.18 0.31
C LYS B 159 -38.52 4.60 1.35
N SER B 160 -39.52 5.33 0.89
CA SER B 160 -40.52 5.95 1.81
C SER B 160 -41.46 4.95 2.45
N GLU B 161 -41.34 3.69 2.02
CA GLU B 161 -42.17 2.62 2.58
C GLU B 161 -41.67 2.21 3.94
N PHE B 162 -40.45 2.68 4.25
CA PHE B 162 -39.69 2.23 5.43
C PHE B 162 -39.32 3.36 6.40
N ASN B 163 -39.13 2.98 7.66
CA ASN B 163 -38.75 3.91 8.73
C ASN B 163 -37.32 3.64 9.13
N LEU B 164 -36.43 4.50 8.63
CA LEU B 164 -34.98 4.40 8.89
C LEU B 164 -34.65 4.99 10.26
N VAL B 165 -34.16 4.14 11.14
CA VAL B 165 -33.89 4.51 12.52
C VAL B 165 -32.42 4.27 12.80
N ASP B 166 -31.92 4.96 13.82
CA ASP B 166 -30.50 4.91 14.18
C ASP B 166 -30.21 3.77 15.15
N ALA B 167 -29.64 2.69 14.62
CA ALA B 167 -29.38 1.45 15.35
C ALA B 167 -27.95 1.47 15.83
N SER B 168 -27.39 2.65 15.72
CA SER B 168 -25.98 2.91 15.99
C SER B 168 -25.49 2.36 17.33
N LEU B 169 -26.20 2.76 18.38
CA LEU B 169 -25.80 2.47 19.76
C LEU B 169 -26.00 1.00 20.11
N GLY B 170 -26.78 0.33 19.29
CA GLY B 170 -26.97 -1.10 19.43
C GLY B 170 -25.63 -1.76 19.23
N LEU B 171 -25.01 -1.44 18.10
CA LEU B 171 -23.68 -1.98 17.77
C LEU B 171 -22.55 -1.46 18.70
N ALA B 172 -22.61 -0.19 19.02
CA ALA B 172 -21.60 0.41 19.90
C ALA B 172 -21.49 -0.35 21.21
N LYS B 173 -22.59 -0.93 21.67
CA LYS B 173 -22.62 -1.61 22.95
C LYS B 173 -21.80 -2.89 22.85
N CYS B 174 -21.87 -3.46 21.65
CA CYS B 174 -21.16 -4.69 21.34
C CYS B 174 -19.67 -4.44 21.22
N LEU B 175 -19.31 -3.38 20.49
CA LEU B 175 -17.89 -3.05 20.22
C LEU B 175 -17.18 -2.57 21.46
N ALA B 176 -17.94 -2.05 22.41
CA ALA B 176 -17.38 -1.35 23.60
C ALA B 176 -16.62 -2.25 24.54
N ILE B 177 -17.02 -3.52 24.60
CA ILE B 177 -16.36 -4.49 25.49
C ILE B 177 -15.45 -5.40 24.69
N LYS B 178 -14.16 -5.26 24.95
CA LYS B 178 -13.12 -5.87 24.15
C LYS B 178 -12.88 -7.23 24.73
N ASP B 179 -12.81 -8.23 23.88
CA ASP B 179 -12.53 -9.59 24.36
C ASP B 179 -11.02 -9.75 24.46
N GLU B 180 -10.62 -10.94 24.87
CA GLU B 180 -9.21 -11.25 25.18
C GLU B 180 -8.30 -10.80 24.07
N GLN B 181 -8.71 -11.19 22.88
CA GLN B 181 -7.89 -11.05 21.67
C GLN B 181 -7.78 -9.59 21.25
N GLU B 182 -8.86 -8.86 21.52
CA GLU B 182 -8.98 -7.46 21.10
C GLU B 182 -8.17 -6.60 22.04
N LEU B 183 -8.24 -6.94 23.32
CA LEU B 183 -7.43 -6.28 24.35
C LEU B 183 -5.94 -6.48 24.08
N ALA B 184 -5.61 -7.62 23.49
CA ALA B 184 -4.21 -7.93 23.20
C ALA B 184 -3.74 -7.04 22.06
N ASN B 185 -4.63 -6.82 21.10
CA ASN B 185 -4.32 -6.06 19.89
C ASN B 185 -4.10 -4.62 20.21
N ILE B 186 -4.97 -4.10 21.07
CA ILE B 186 -4.92 -2.70 21.51
C ILE B 186 -3.69 -2.44 22.35
N LYS B 187 -3.21 -3.49 23.02
CA LYS B 187 -2.05 -3.37 23.92
C LYS B 187 -0.77 -3.41 23.11
N GLY B 188 -0.81 -4.19 22.04
CA GLY B 188 0.26 -4.32 21.09
C GLY B 188 0.49 -3.00 20.36
N ALA B 189 -0.62 -2.37 20.00
CA ALA B 189 -0.61 -1.09 19.32
C ALA B 189 -0.09 -0.02 20.25
N SER B 190 -0.46 -0.14 21.52
CA SER B 190 -0.13 0.87 22.55
C SER B 190 1.36 0.84 22.81
N ARG B 191 1.83 -0.37 22.94
CA ARG B 191 3.26 -0.66 23.08
C ARG B 191 4.12 -0.04 21.97
N VAL B 192 3.65 -0.10 20.73
CA VAL B 192 4.38 0.48 19.59
C VAL B 192 4.28 2.01 19.64
N SER B 193 3.11 2.53 19.98
CA SER B 193 2.96 3.98 20.11
C SER B 193 3.97 4.55 21.08
N VAL B 194 4.00 3.99 22.27
CA VAL B 194 4.76 4.58 23.37
C VAL B 194 6.27 4.39 23.16
N ALA B 195 6.63 3.31 22.48
CA ALA B 195 8.02 3.05 22.11
C ALA B 195 8.54 4.11 21.13
N VAL B 196 7.68 4.50 20.19
CA VAL B 196 8.06 5.41 19.12
C VAL B 196 8.15 6.81 19.67
N MSE B 197 7.24 7.12 20.59
CA MSE B 197 7.29 8.38 21.31
C MSE B 197 8.57 8.53 22.10
O MSE B 197 9.28 9.53 21.98
CB MSE B 197 6.11 8.48 22.29
CG MSE B 197 6.05 9.82 23.04
SE MSE B 197 5.59 11.32 21.89
CE MSE B 197 3.66 11.08 21.62
N SER B 198 8.83 7.54 22.95
CA SER B 198 9.90 7.61 23.96
C SER B 198 11.28 7.56 23.40
N LYS B 199 11.37 6.85 22.29
CA LYS B 199 12.66 6.60 21.68
C LYS B 199 12.84 7.56 20.52
N TYR B 200 12.08 7.33 19.45
CA TYR B 200 12.28 8.06 18.21
C TYR B 200 11.89 9.54 18.27
N PHE B 201 10.71 9.86 18.78
CA PHE B 201 10.29 11.27 18.80
C PHE B 201 11.16 12.06 19.73
N VAL B 202 11.37 11.50 20.90
CA VAL B 202 12.22 12.14 21.92
C VAL B 202 13.68 12.37 21.46
N ASP B 203 14.29 11.35 20.88
CA ASP B 203 15.63 11.50 20.30
C ASP B 203 15.71 12.62 19.29
N GLU B 204 14.83 12.50 18.30
CA GLU B 204 14.78 13.44 17.17
C GLU B 204 14.52 14.86 17.61
N LEU B 205 13.65 14.99 18.61
CA LEU B 205 13.19 16.31 19.08
C LEU B 205 14.33 17.00 19.84
N SER B 206 14.95 16.25 20.73
CA SER B 206 15.99 16.83 21.60
C SER B 206 17.20 17.26 20.79
N THR B 207 17.46 16.58 19.68
CA THR B 207 18.60 16.92 18.84
C THR B 207 18.26 18.13 17.96
N TYR B 208 17.01 18.17 17.52
CA TYR B 208 16.56 19.27 16.66
C TYR B 208 16.77 20.58 17.40
N ILE B 209 16.25 20.62 18.62
CA ILE B 209 16.31 21.83 19.45
C ILE B 209 17.78 22.13 19.73
N ASP B 210 18.46 21.11 20.23
CA ASP B 210 19.89 21.21 20.58
C ASP B 210 20.70 21.90 19.50
N GLN B 211 20.46 21.54 18.26
CA GLN B 211 21.34 21.98 17.16
C GLN B 211 20.76 23.07 16.30
N GLY B 212 19.66 23.65 16.78
CA GLY B 212 19.04 24.80 16.14
C GLY B 212 18.59 24.47 14.73
N LYS B 213 18.46 23.19 14.49
CA LYS B 213 17.90 22.69 13.21
C LYS B 213 16.48 23.16 13.06
N LYS B 214 16.23 23.78 11.91
CA LYS B 214 14.91 24.30 11.57
C LYS B 214 14.18 23.36 10.64
N ILE B 215 13.07 22.94 11.16
CA ILE B 215 12.18 22.00 10.53
C ILE B 215 10.77 22.44 10.87
N THR B 216 9.87 22.34 9.91
CA THR B 216 8.46 22.64 10.17
C THR B 216 7.76 21.47 10.87
N HIS B 217 6.67 21.79 11.53
CA HIS B 217 5.92 20.74 12.23
C HIS B 217 5.44 19.67 11.27
N SER B 218 5.00 20.10 10.10
CA SER B 218 4.38 19.19 9.13
C SER B 218 5.45 18.27 8.55
N LYS B 219 6.64 18.83 8.49
CA LYS B 219 7.76 18.11 7.95
C LYS B 219 8.27 17.09 8.97
N PHE B 220 8.42 17.54 10.21
CA PHE B 220 8.86 16.69 11.32
C PHE B 220 7.89 15.52 11.43
N SER B 221 6.63 15.86 11.20
CA SER B 221 5.53 14.91 11.35
C SER B 221 5.47 13.89 10.20
N ASP B 222 5.85 14.32 9.00
CA ASP B 222 5.96 13.42 7.84
C ASP B 222 7.11 12.44 8.09
N GLN B 223 8.20 13.00 8.57
CA GLN B 223 9.37 12.23 8.98
C GLN B 223 8.99 11.10 9.92
N MSE B 224 8.18 11.46 10.90
CA MSE B 224 7.70 10.52 11.91
C MSE B 224 6.88 9.42 11.28
O MSE B 224 7.02 8.24 11.59
CB MSE B 224 6.84 11.24 12.95
CG MSE B 224 7.58 12.21 13.84
SE MSE B 224 8.80 11.26 15.02
CE MSE B 224 7.43 10.18 15.90
N GLU B 225 6.00 9.83 10.37
CA GLU B 225 5.04 8.92 9.74
C GLU B 225 5.79 7.86 8.90
N SER B 226 6.95 8.24 8.40
CA SER B 226 7.71 7.36 7.48
C SER B 226 8.51 6.32 8.26
N LEU B 227 8.61 6.53 9.55
CA LEU B 227 9.33 5.63 10.42
C LEU B 227 8.78 4.22 10.29
N ILE B 228 7.54 4.16 9.81
CA ILE B 228 6.72 2.92 9.85
C ILE B 228 7.25 2.01 8.76
N ASP B 229 7.90 2.64 7.79
CA ASP B 229 8.48 1.92 6.66
C ASP B 229 9.86 1.39 7.04
N ASN B 230 10.32 1.76 8.23
CA ASN B 230 11.65 1.38 8.77
C ASN B 230 11.55 0.13 9.62
N GLU B 231 11.63 -1.02 8.96
CA GLU B 231 11.48 -2.32 9.63
C GLU B 231 12.38 -2.45 10.83
N ALA B 232 13.65 -2.19 10.58
CA ALA B 232 14.73 -2.41 11.54
C ALA B 232 14.59 -1.56 12.78
N PHE B 233 13.74 -0.54 12.70
CA PHE B 233 13.51 0.26 13.88
C PHE B 233 12.74 -0.60 14.86
N PHE B 234 11.78 -1.32 14.34
CA PHE B 234 10.80 -2.01 15.18
C PHE B 234 11.42 -3.26 15.74
N GLN B 235 12.66 -3.47 15.32
CA GLN B 235 13.38 -4.70 15.62
C GLN B 235 14.50 -4.49 16.62
N THR B 236 14.81 -3.24 16.92
CA THR B 236 15.81 -2.93 17.96
C THR B 236 15.33 -3.58 19.26
N LYS B 237 16.22 -4.38 19.85
CA LYS B 237 15.83 -5.23 20.99
C LYS B 237 15.44 -4.44 22.25
N SER B 238 15.92 -3.22 22.35
CA SER B 238 15.71 -2.41 23.57
C SER B 238 14.23 -2.08 23.67
N LEU B 239 13.57 -2.18 22.53
CA LEU B 239 12.19 -1.67 22.39
C LEU B 239 11.17 -2.76 22.71
N LYS B 240 11.55 -4.00 22.49
CA LYS B 240 10.76 -5.16 22.88
C LYS B 240 9.46 -5.32 22.13
N LEU B 241 9.53 -5.19 20.81
CA LEU B 241 8.34 -5.22 19.94
C LEU B 241 8.38 -6.49 19.08
N GLY B 242 9.24 -7.41 19.48
CA GLY B 242 9.54 -8.62 18.71
C GLY B 242 8.35 -9.49 18.33
N ASP B 243 7.29 -9.30 19.06
CA ASP B 243 6.10 -10.12 18.93
C ASP B 243 5.11 -9.46 18.00
N ILE B 244 5.42 -8.25 17.60
CA ILE B 244 4.52 -7.42 16.79
C ILE B 244 4.69 -7.73 15.33
N ASP B 245 3.60 -8.20 14.74
CA ASP B 245 3.53 -8.46 13.31
C ASP B 245 3.43 -7.14 12.55
N LEU B 246 4.56 -6.72 12.02
CA LEU B 246 4.74 -5.38 11.46
C LEU B 246 3.89 -5.26 10.21
N ASP B 247 3.31 -6.38 9.81
CA ASP B 247 2.51 -6.43 8.58
C ASP B 247 1.08 -6.03 8.82
N GLN B 248 0.74 -5.89 10.08
CA GLN B 248 -0.60 -5.55 10.49
C GLN B 248 -0.60 -4.26 11.28
N LEU B 249 0.47 -3.51 11.08
CA LEU B 249 0.68 -2.21 11.73
C LEU B 249 0.41 -1.06 10.80
N GLU B 250 -0.40 -0.15 11.29
CA GLU B 250 -0.74 1.06 10.53
C GLU B 250 -0.72 2.25 11.47
N TRP B 251 -0.70 3.44 10.90
CA TRP B 251 -0.92 4.67 11.67
C TRP B 251 -2.42 4.88 11.88
N CYS B 252 -2.76 5.48 13.01
CA CYS B 252 -4.16 5.81 13.29
C CYS B 252 -4.50 7.10 12.59
N TYR B 253 -3.50 7.97 12.59
CA TYR B 253 -3.56 9.29 11.98
C TYR B 253 -2.14 9.76 11.80
N THR B 254 -2.00 10.93 11.19
CA THR B 254 -0.68 11.51 10.99
C THR B 254 -0.31 12.20 12.29
N PRO B 255 0.88 11.92 12.84
CA PRO B 255 1.22 12.46 14.15
C PRO B 255 1.05 13.95 14.26
N ILE B 256 0.54 14.38 15.40
CA ILE B 256 0.28 15.80 15.64
C ILE B 256 1.40 16.38 16.51
N ILE B 257 2.10 17.36 15.96
CA ILE B 257 3.20 17.99 16.64
C ILE B 257 3.00 19.48 16.72
N GLN B 258 3.14 20.03 17.92
CA GLN B 258 2.84 21.45 18.18
C GLN B 258 3.84 22.12 19.09
N SER B 259 4.04 23.40 18.84
CA SER B 259 4.99 24.23 19.60
C SER B 259 4.88 25.69 19.21
N GLY B 260 5.65 26.49 19.94
CA GLY B 260 5.90 27.89 19.65
C GLY B 260 4.71 28.82 19.78
N GLY B 261 3.77 28.42 20.64
CA GLY B 261 2.69 29.29 21.11
C GLY B 261 1.30 28.99 20.58
N SER B 262 1.26 28.10 19.59
CA SER B 262 0.03 27.76 18.89
C SER B 262 -0.30 26.30 19.08
N TYR B 263 -1.41 26.07 19.79
CA TYR B 263 -1.83 24.73 20.18
C TYR B 263 -3.30 24.48 20.01
N ASP B 264 -3.57 23.22 19.75
CA ASP B 264 -4.90 22.73 19.57
C ASP B 264 -4.99 21.38 20.22
N LEU B 265 -5.77 21.30 21.28
CA LEU B 265 -5.87 20.08 22.07
C LEU B 265 -7.00 19.18 21.59
N LYS B 266 -7.68 19.60 20.54
CA LYS B 266 -8.70 18.76 19.88
C LYS B 266 -8.00 17.74 18.98
N PRO B 267 -8.57 16.53 18.88
CA PRO B 267 -7.91 15.43 18.21
C PRO B 267 -8.02 15.57 16.70
N SER B 268 -8.85 16.51 16.30
CA SER B 268 -8.99 16.99 14.90
C SER B 268 -7.91 17.97 14.47
N ALA B 269 -7.04 18.30 15.40
CA ALA B 269 -5.91 19.21 15.13
C ALA B 269 -5.12 18.79 13.90
N ILE B 270 -4.81 19.78 13.08
CA ILE B 270 -3.96 19.62 11.90
C ILE B 270 -2.59 20.23 12.11
N THR B 271 -1.58 19.41 12.00
CA THR B 271 -0.19 19.85 12.09
C THR B 271 0.08 20.90 11.05
N ASP B 272 0.72 21.99 11.50
CA ASP B 272 0.99 23.15 10.65
C ASP B 272 2.40 23.24 10.13
N ASP B 273 2.66 24.35 9.46
CA ASP B 273 3.83 24.52 8.61
C ASP B 273 4.83 25.51 9.23
N ARG B 274 4.64 25.77 10.52
CA ARG B 274 5.53 26.69 11.27
C ARG B 274 6.70 25.92 11.82
N ASN B 275 7.81 26.63 11.99
CA ASN B 275 9.05 26.02 12.45
C ASN B 275 8.87 25.51 13.89
N LEU B 276 9.42 24.33 14.14
CA LEU B 276 9.53 23.81 15.50
C LEU B 276 10.35 24.77 16.36
N HIS B 277 9.84 25.04 17.56
CA HIS B 277 10.52 25.85 18.58
C HIS B 277 10.55 25.10 19.89
N GLY B 278 11.71 25.10 20.53
CA GLY B 278 11.91 24.42 21.81
C GLY B 278 11.46 25.28 22.97
N ASP B 279 10.14 25.30 23.16
CA ASP B 279 9.56 25.95 24.34
C ASP B 279 8.70 24.95 25.09
N VAL B 280 7.48 24.83 24.60
CA VAL B 280 6.55 23.78 25.02
C VAL B 280 6.10 23.00 23.78
N VAL B 281 6.52 21.74 23.77
CA VAL B 281 6.28 20.86 22.66
C VAL B 281 5.31 19.79 23.07
N LEU B 282 4.28 19.69 22.23
CA LEU B 282 3.19 18.77 22.39
C LEU B 282 3.19 17.80 21.24
N CYS B 283 3.03 16.51 21.57
CA CYS B 283 2.99 15.49 20.53
C CYS B 283 2.01 14.36 20.80
N SER B 284 1.19 14.08 19.79
CA SER B 284 0.26 12.97 19.84
C SER B 284 0.48 12.05 18.66
N LEU B 285 0.52 10.76 18.97
CA LEU B 285 0.64 9.73 17.95
C LEU B 285 -0.03 8.43 18.40
N GLY B 286 -0.43 7.66 17.40
CA GLY B 286 -1.05 6.37 17.62
C GLY B 286 -0.98 5.41 16.48
N PHE B 287 -0.82 4.17 16.85
CA PHE B 287 -0.75 3.07 15.93
C PHE B 287 -1.99 2.22 16.02
N ARG B 288 -2.29 1.59 14.89
CA ARG B 288 -3.42 0.70 14.74
C ARG B 288 -2.93 -0.71 14.39
N TYR B 289 -3.11 -1.62 15.33
CA TYR B 289 -2.59 -2.99 15.21
C TYR B 289 -3.74 -3.97 15.00
N LYS B 290 -3.72 -4.63 13.85
CA LYS B 290 -4.72 -5.61 13.49
C LYS B 290 -6.11 -4.95 13.47
N SER B 291 -6.09 -3.64 13.26
CA SER B 291 -7.30 -2.82 13.04
C SER B 291 -7.81 -2.24 14.33
N TYR B 292 -7.05 -2.47 15.39
CA TYR B 292 -7.35 -1.91 16.69
C TYR B 292 -6.41 -0.77 17.02
N CYS B 293 -7.05 0.34 17.35
CA CYS B 293 -6.39 1.62 17.59
C CYS B 293 -5.85 1.79 19.01
N SER B 294 -4.88 2.68 19.07
CA SER B 294 -4.31 3.24 20.28
C SER B 294 -3.83 4.67 20.06
N ASN B 295 -3.48 5.30 21.16
CA ASN B 295 -3.11 6.71 21.17
C ASN B 295 -2.29 7.03 22.42
N VAL B 296 -1.28 7.86 22.22
CA VAL B 296 -0.49 8.38 23.32
C VAL B 296 -0.13 9.81 22.97
N GLY B 297 0.16 10.59 24.00
CA GLY B 297 0.42 12.00 23.79
C GLY B 297 1.17 12.55 24.96
N ARG B 298 2.14 13.40 24.67
CA ARG B 298 3.04 13.89 25.71
C ARG B 298 3.38 15.38 25.57
N THR B 299 3.79 15.96 26.68
CA THR B 299 4.32 17.33 26.73
C THR B 299 5.79 17.29 27.10
N TYR B 300 6.58 18.10 26.39
CA TYR B 300 8.03 18.29 26.64
C TYR B 300 8.34 19.77 26.81
N LEU B 301 9.05 20.04 27.90
CA LEU B 301 9.37 21.42 28.31
C LEU B 301 10.86 21.71 28.15
N PHE B 302 11.14 22.87 27.60
CA PHE B 302 12.50 23.33 27.41
C PHE B 302 12.72 24.60 28.20
N ASP B 303 13.63 24.50 29.15
CA ASP B 303 13.88 25.57 30.10
C ASP B 303 12.57 26.14 30.60
N PRO B 304 11.70 25.26 31.12
CA PRO B 304 10.46 25.77 31.64
C PRO B 304 10.69 26.53 32.92
N ASP B 305 9.95 27.64 33.07
CA ASP B 305 9.92 28.37 34.35
C ASP B 305 9.07 27.65 35.37
N SER B 306 9.04 28.27 36.54
CA SER B 306 8.52 27.60 37.73
C SER B 306 7.01 27.36 37.61
N GLU B 307 6.32 28.34 37.05
CA GLU B 307 4.87 28.28 36.88
C GLU B 307 4.49 27.17 35.90
N GLN B 308 5.31 27.02 34.88
CA GLN B 308 5.05 26.01 33.85
C GLN B 308 5.19 24.62 34.43
N GLN B 309 6.10 24.46 35.37
CA GLN B 309 6.37 23.14 35.97
C GLN B 309 5.27 22.75 36.92
N LYS B 310 4.90 23.74 37.72
CA LYS B 310 3.80 23.62 38.67
C LYS B 310 2.55 23.16 37.93
N ASN B 311 2.27 23.87 36.86
CA ASN B 311 1.10 23.56 36.01
C ASN B 311 1.19 22.15 35.40
N TYR B 312 2.36 21.79 34.89
CA TYR B 312 2.52 20.48 34.25
C TYR B 312 2.37 19.40 35.29
N SER B 313 3.01 19.62 36.43
CA SER B 313 2.95 18.66 37.53
C SER B 313 1.51 18.45 37.99
N PHE B 314 0.78 19.55 38.08
CA PHE B 314 -0.63 19.50 38.50
C PHE B 314 -1.43 18.63 37.53
N LEU B 315 -1.06 18.72 36.27
CA LEU B 315 -1.72 17.98 35.18
C LEU B 315 -1.48 16.48 35.32
N VAL B 316 -0.27 16.15 35.78
CA VAL B 316 0.14 14.74 36.01
C VAL B 316 -0.62 14.12 37.18
N ALA B 317 -0.80 14.91 38.23
CA ALA B 317 -1.58 14.52 39.42
C ALA B 317 -3.03 14.33 39.08
N LEU B 318 -3.55 15.28 38.33
CA LEU B 318 -4.91 15.23 37.83
C LEU B 318 -5.18 13.96 37.05
N GLN B 319 -4.21 13.56 36.22
CA GLN B 319 -4.34 12.39 35.33
C GLN B 319 -4.35 11.10 36.15
N LYS B 320 -3.52 11.04 37.17
CA LYS B 320 -3.51 9.87 38.07
C LYS B 320 -4.86 9.66 38.74
N LYS B 321 -5.46 10.78 39.12
CA LYS B 321 -6.81 10.78 39.71
C LYS B 321 -7.82 10.24 38.72
N LEU B 322 -7.60 10.58 37.46
CA LEU B 322 -8.51 10.24 36.37
C LEU B 322 -8.51 8.74 36.13
N PHE B 323 -7.31 8.16 36.10
CA PHE B 323 -7.19 6.71 35.91
C PHE B 323 -7.93 6.10 37.08
N GLU B 324 -7.78 6.75 38.22
CA GLU B 324 -8.32 6.24 39.48
C GLU B 324 -9.82 6.00 39.37
N TYR B 325 -10.46 6.95 38.70
CA TYR B 325 -11.92 7.05 38.64
C TYR B 325 -12.50 6.16 37.54
N CYS B 326 -11.62 5.77 36.62
CA CYS B 326 -11.99 4.98 35.45
C CYS B 326 -11.99 3.50 35.79
N ARG B 327 -13.06 3.10 36.45
CA ARG B 327 -13.31 1.70 36.76
C ARG B 327 -14.75 1.28 36.51
N ASP B 328 -14.90 -0.03 36.45
CA ASP B 328 -16.20 -0.67 36.25
C ASP B 328 -17.19 -0.08 37.23
N GLY B 329 -18.31 0.40 36.68
CA GLY B 329 -19.42 0.90 37.48
C GLY B 329 -19.50 2.41 37.56
N ALA B 330 -18.42 3.08 37.23
CA ALA B 330 -18.39 4.53 37.29
C ALA B 330 -19.19 5.13 36.15
N VAL B 331 -20.00 6.12 36.49
CA VAL B 331 -20.76 6.89 35.49
C VAL B 331 -19.82 7.87 34.81
N ILE B 332 -19.80 7.83 33.48
CA ILE B 332 -18.81 8.60 32.73
C ILE B 332 -18.85 10.07 33.11
N GLY B 333 -20.04 10.63 33.18
CA GLY B 333 -20.19 12.06 33.48
C GLY B 333 -19.67 12.47 34.85
N ASP B 334 -19.83 11.57 35.81
CA ASP B 334 -19.39 11.82 37.19
C ASP B 334 -17.87 11.92 37.23
N ILE B 335 -17.22 11.18 36.34
CA ILE B 335 -15.75 11.19 36.24
C ILE B 335 -15.29 12.60 35.83
N TYR B 336 -15.91 13.13 34.78
CA TYR B 336 -15.53 14.47 34.30
C TYR B 336 -15.69 15.50 35.42
N THR B 337 -16.83 15.42 36.09
CA THR B 337 -17.18 16.39 37.15
C THR B 337 -16.23 16.29 38.36
N LYS B 338 -15.88 15.07 38.72
CA LYS B 338 -15.02 14.83 39.89
C LYS B 338 -13.67 15.49 39.65
N ILE B 339 -13.24 15.45 38.39
CA ILE B 339 -11.93 16.03 38.00
C ILE B 339 -12.05 17.55 37.95
N LEU B 340 -13.18 18.00 37.46
CA LEU B 340 -13.48 19.44 37.39
C LEU B 340 -13.49 20.04 38.79
N GLY B 341 -13.99 19.24 39.72
CA GLY B 341 -14.11 19.66 41.13
C GLY B 341 -12.77 19.77 41.82
N LEU B 342 -11.85 18.92 41.37
CA LEU B 342 -10.47 18.90 41.88
C LEU B 342 -9.76 20.17 41.49
N ILE B 343 -10.05 20.66 40.29
CA ILE B 343 -9.39 21.85 39.77
C ILE B 343 -9.90 23.02 40.56
N ARG B 344 -11.21 23.15 40.57
CA ARG B 344 -11.86 24.22 41.32
C ARG B 344 -11.31 24.34 42.72
N ALA B 345 -11.21 23.19 43.34
CA ALA B 345 -10.77 23.10 44.74
C ALA B 345 -9.32 23.52 44.95
N LYS B 346 -8.45 23.10 44.03
CA LYS B 346 -7.00 23.15 44.24
C LYS B 346 -6.38 24.31 43.47
N ARG B 347 -6.91 24.49 42.29
CA ARG B 347 -6.41 25.51 41.35
C ARG B 347 -7.51 26.12 40.52
N PRO B 348 -8.36 26.88 41.13
CA PRO B 348 -9.51 27.34 40.42
C PRO B 348 -9.14 28.23 39.23
N ASP B 349 -7.91 28.68 39.23
CA ASP B 349 -7.42 29.66 38.26
C ASP B 349 -7.23 28.99 36.92
N LEU B 350 -7.35 27.67 36.94
CA LEU B 350 -7.10 26.87 35.73
C LEU B 350 -8.40 26.43 35.06
N GLU B 351 -9.50 26.58 35.76
CA GLU B 351 -10.77 26.07 35.25
C GLU B 351 -11.05 26.54 33.82
N PRO B 352 -10.72 27.80 33.50
CA PRO B 352 -11.04 28.29 32.16
C PRO B 352 -10.21 27.63 31.06
N ASN B 353 -9.16 26.95 31.46
CA ASN B 353 -8.17 26.46 30.50
C ASN B 353 -8.35 24.98 30.21
N PHE B 354 -9.26 24.41 30.98
CA PHE B 354 -9.46 22.96 31.02
C PHE B 354 -10.25 22.46 29.82
N VAL B 355 -9.83 21.31 29.34
CA VAL B 355 -10.50 20.63 28.22
C VAL B 355 -11.96 20.37 28.57
N ARG B 356 -12.77 20.28 27.52
CA ARG B 356 -14.22 20.13 27.63
C ARG B 356 -14.59 18.69 27.69
N ASN B 357 -13.68 17.87 27.19
CA ASN B 357 -13.78 16.45 27.47
C ASN B 357 -12.43 15.84 27.63
N LEU B 358 -12.48 14.58 28.03
CA LEU B 358 -11.31 13.90 28.54
C LEU B 358 -11.04 12.68 27.68
N GLY B 359 -11.67 12.70 26.51
CA GLY B 359 -11.44 11.71 25.44
C GLY B 359 -12.66 10.83 25.23
N ALA B 360 -12.42 9.61 24.77
CA ALA B 360 -13.49 8.68 24.39
C ALA B 360 -12.99 7.26 24.22
N GLY B 361 -13.93 6.35 23.98
CA GLY B 361 -13.60 4.94 23.78
C GLY B 361 -12.73 4.78 22.57
N ILE B 362 -12.00 3.68 22.55
CA ILE B 362 -11.11 3.39 21.42
C ILE B 362 -11.13 1.92 21.07
N GLY B 363 -11.16 1.62 19.77
CA GLY B 363 -11.27 0.23 19.32
C GLY B 363 -10.91 0.07 17.87
N ILE B 364 -11.74 -0.66 17.14
CA ILE B 364 -11.61 -0.79 15.70
C ILE B 364 -11.77 0.61 15.18
N GLU B 365 -12.58 1.40 15.89
CA GLU B 365 -12.80 2.83 15.57
C GLU B 365 -11.87 3.66 16.45
N PHE B 366 -11.27 4.71 15.90
CA PHE B 366 -10.40 5.55 16.73
C PHE B 366 -11.17 6.19 17.90
N ARG B 367 -12.42 6.52 17.60
CA ARG B 367 -13.26 7.18 18.59
C ARG B 367 -14.63 6.54 18.64
N GLU B 368 -14.94 6.03 19.83
CA GLU B 368 -16.25 5.47 20.19
C GLU B 368 -17.03 6.54 20.95
N SER B 369 -17.83 7.30 20.20
CA SER B 369 -18.38 8.58 20.67
C SER B 369 -19.42 8.39 21.77
N SER B 370 -19.91 7.17 21.90
CA SER B 370 -20.91 6.87 22.92
C SER B 370 -20.23 6.86 24.29
N LEU B 371 -18.90 6.86 24.25
CA LEU B 371 -18.07 6.79 25.47
C LEU B 371 -17.20 8.03 25.65
N LEU B 372 -17.66 9.12 25.06
CA LEU B 372 -17.03 10.45 25.19
C LEU B 372 -17.10 10.97 26.64
N VAL B 373 -15.93 11.32 27.20
CA VAL B 373 -15.83 11.65 28.62
C VAL B 373 -16.12 13.12 28.91
N ASN B 374 -17.40 13.42 28.91
CA ASN B 374 -17.87 14.73 29.36
C ASN B 374 -18.96 14.59 30.39
N ALA B 375 -19.39 15.72 30.92
CA ALA B 375 -20.31 15.75 32.07
C ALA B 375 -21.66 15.12 31.76
N LYS B 376 -22.04 15.23 30.49
CA LYS B 376 -23.38 14.84 30.02
C LYS B 376 -23.56 13.33 29.89
N ASN B 377 -22.47 12.60 29.90
CA ASN B 377 -22.58 11.18 29.62
C ASN B 377 -23.08 10.41 30.83
N PRO B 378 -24.25 9.76 30.68
CA PRO B 378 -24.87 9.02 31.75
C PRO B 378 -24.45 7.55 31.71
N ARG B 379 -23.69 7.17 30.69
CA ARG B 379 -23.18 5.78 30.57
C ARG B 379 -22.16 5.45 31.62
N VAL B 380 -22.22 4.18 32.02
CA VAL B 380 -21.40 3.58 33.08
C VAL B 380 -20.25 2.77 32.45
N LEU B 381 -19.05 3.01 32.95
CA LEU B 381 -17.87 2.22 32.57
C LEU B 381 -18.09 0.76 32.96
N GLN B 382 -17.47 -0.08 32.16
CA GLN B 382 -17.52 -1.52 32.31
C GLN B 382 -16.20 -2.16 31.98
N ALA B 383 -15.78 -3.05 32.86
CA ALA B 383 -14.58 -3.84 32.62
C ALA B 383 -14.59 -4.33 31.18
N GLY B 384 -13.42 -4.23 30.55
CA GLY B 384 -13.25 -4.65 29.17
C GLY B 384 -13.28 -3.48 28.18
N MSE B 385 -13.83 -2.37 28.63
CA MSE B 385 -13.79 -1.13 27.81
C MSE B 385 -12.36 -0.60 27.73
O MSE B 385 -11.55 -0.81 28.63
CB MSE B 385 -14.71 -0.03 28.36
CG MSE B 385 -16.15 -0.21 27.94
SE MSE B 385 -17.24 1.14 28.81
CE MSE B 385 -19.00 0.38 28.37
N THR B 386 -12.08 0.07 26.61
CA THR B 386 -10.80 0.72 26.35
C THR B 386 -11.01 2.19 26.01
N LEU B 387 -10.23 3.02 26.66
CA LEU B 387 -10.35 4.46 26.55
C LEU B 387 -9.06 5.14 26.15
N ASN B 388 -9.23 6.11 25.26
CA ASN B 388 -8.19 7.04 24.83
C ASN B 388 -8.46 8.30 25.58
N LEU B 389 -7.79 8.40 26.72
CA LEU B 389 -8.01 9.46 27.69
C LEU B 389 -7.11 10.61 27.44
N SER B 390 -7.72 11.75 27.26
CA SER B 390 -6.99 12.97 26.98
C SER B 390 -7.24 13.99 28.07
N ILE B 391 -6.17 14.55 28.59
CA ILE B 391 -6.32 15.59 29.61
C ILE B 391 -5.32 16.72 29.42
N GLY B 392 -5.77 17.94 29.59
CA GLY B 392 -4.93 19.10 29.35
C GLY B 392 -5.50 20.46 29.65
N PHE B 393 -4.61 21.43 29.46
CA PHE B 393 -4.87 22.86 29.68
C PHE B 393 -4.39 23.65 28.48
N GLY B 394 -5.23 24.58 28.06
CA GLY B 394 -4.93 25.43 26.91
C GLY B 394 -4.93 26.89 27.25
N ASN B 395 -4.26 27.65 26.39
CA ASN B 395 -4.26 29.10 26.42
C ASN B 395 -3.73 29.60 27.74
N LEU B 396 -2.79 28.84 28.28
CA LEU B 396 -2.07 29.22 29.48
C LEU B 396 -1.15 30.37 29.13
N ILE B 397 -1.25 31.43 29.91
CA ILE B 397 -0.54 32.67 29.61
C ILE B 397 0.74 32.81 30.43
N ASN B 398 1.82 33.15 29.73
CA ASN B 398 3.13 33.42 30.34
C ASN B 398 3.26 34.87 30.80
N PRO B 399 3.51 35.07 32.11
CA PRO B 399 3.90 36.39 32.58
C PRO B 399 5.27 36.77 32.06
N HIS B 400 5.28 37.74 31.16
CA HIS B 400 6.51 38.21 30.55
C HIS B 400 7.05 37.26 29.51
N PRO B 401 8.37 37.21 29.49
CA PRO B 401 9.14 36.44 28.50
C PRO B 401 9.99 35.36 29.17
N GLN B 405 9.74 35.88 23.98
CA GLN B 405 9.50 34.46 23.72
C GLN B 405 8.11 34.19 23.14
N SER B 406 7.45 33.22 23.74
CA SER B 406 6.11 32.77 23.33
C SER B 406 5.06 33.23 24.34
N LYS B 407 3.95 33.74 23.83
CA LYS B 407 2.94 34.42 24.67
C LYS B 407 2.15 33.41 25.52
N GLU B 408 1.82 32.29 24.89
CA GLU B 408 0.97 31.28 25.50
C GLU B 408 1.50 29.89 25.28
N TYR B 409 1.05 28.99 26.15
CA TYR B 409 1.30 27.57 25.97
C TYR B 409 0.10 26.72 26.36
N ALA B 410 0.31 25.44 26.17
CA ALA B 410 -0.70 24.42 26.49
C ALA B 410 0.01 23.19 27.01
N LEU B 411 -0.71 22.36 27.73
CA LEU B 411 -0.19 21.12 28.34
C LEU B 411 -1.13 19.96 28.08
N LEU B 412 -0.55 18.82 27.73
CA LEU B 412 -1.34 17.64 27.31
C LEU B 412 -0.73 16.29 27.70
N LEU B 413 -1.58 15.40 28.18
CA LEU B 413 -1.23 13.97 28.40
C LEU B 413 -2.31 13.08 27.83
N ILE B 414 -1.91 12.15 26.98
CA ILE B 414 -2.83 11.15 26.47
C ILE B 414 -2.31 9.75 26.71
N ASP B 415 -3.17 8.91 27.23
CA ASP B 415 -2.87 7.47 27.38
C ASP B 415 -4.07 6.59 27.03
N THR B 416 -3.76 5.35 26.64
CA THR B 416 -4.77 4.32 26.33
C THR B 416 -4.85 3.34 27.49
N ILE B 417 -6.04 3.24 28.06
CA ILE B 417 -6.28 2.38 29.23
C ILE B 417 -7.38 1.34 29.02
N GLN B 418 -7.23 0.24 29.73
CA GLN B 418 -8.22 -0.84 29.84
C GLN B 418 -8.92 -0.76 31.19
N ILE B 419 -10.27 -0.72 31.14
CA ILE B 419 -11.09 -0.61 32.34
C ILE B 419 -11.11 -2.00 32.97
N THR B 420 -10.95 -2.03 34.27
CA THR B 420 -11.10 -3.26 35.03
C THR B 420 -12.06 -3.08 36.19
N ARG B 421 -11.99 -4.05 37.11
CA ARG B 421 -12.89 -4.09 38.28
C ARG B 421 -12.33 -3.21 39.38
N SER B 422 -11.07 -2.86 39.20
CA SER B 422 -10.39 -1.93 40.10
C SER B 422 -9.64 -0.89 39.29
N ASP B 423 -8.35 -0.79 39.58
CA ASP B 423 -7.45 0.13 38.87
CA ASP B 423 -7.49 0.16 38.86
C ASP B 423 -7.39 -0.21 37.38
N PRO B 424 -7.33 0.81 36.51
CA PRO B 424 -7.16 0.59 35.08
C PRO B 424 -5.75 0.16 34.74
N ILE B 425 -5.64 -0.45 33.58
CA ILE B 425 -4.33 -0.79 33.00
C ILE B 425 -4.02 0.29 31.98
N VAL B 426 -2.87 0.93 32.14
CA VAL B 426 -2.44 2.02 31.25
C VAL B 426 -1.43 1.48 30.25
N PHE B 427 -1.93 1.10 29.09
CA PHE B 427 -1.14 0.33 28.11
C PHE B 427 0.07 1.13 27.66
N THR B 428 -0.14 2.44 27.59
CA THR B 428 0.81 3.38 26.99
C THR B 428 1.64 4.10 28.05
N ASP B 429 1.67 3.56 29.25
CA ASP B 429 2.38 4.28 30.28
C ASP B 429 3.85 4.36 29.96
N SER B 430 4.44 5.41 30.52
CA SER B 430 5.88 5.73 30.43
C SER B 430 6.19 6.85 31.43
N PRO B 431 7.48 7.09 31.76
CA PRO B 431 7.67 8.13 32.80
C PRO B 431 7.37 9.54 32.36
N LYS B 432 6.48 10.18 33.11
CA LYS B 432 6.00 11.52 32.77
C LYS B 432 6.04 12.56 33.88
N ALA B 433 6.85 12.28 34.89
CA ALA B 433 7.18 13.32 35.86
C ALA B 433 7.78 14.50 35.15
N GLN B 434 7.54 15.65 35.74
CA GLN B 434 8.17 16.91 35.36
C GLN B 434 9.67 16.72 34.99
N GLY B 435 10.37 15.95 35.80
CA GLY B 435 11.81 15.73 35.63
C GLY B 435 12.13 14.87 34.43
N ASP B 436 11.13 14.11 33.98
CA ASP B 436 11.31 13.13 32.90
C ASP B 436 11.23 13.80 31.52
N ILE B 437 10.54 14.93 31.48
CA ILE B 437 10.16 15.58 30.21
C ILE B 437 10.66 17.04 30.06
N SER B 438 11.46 17.47 31.03
CA SER B 438 11.99 18.84 31.06
C SER B 438 13.47 18.91 30.72
N TYR B 439 13.78 19.70 29.70
CA TYR B 439 15.12 19.89 29.17
C TYR B 439 15.62 21.23 29.57
N PHE B 440 16.73 21.18 30.29
CA PHE B 440 17.31 22.34 30.90
C PHE B 440 18.68 22.59 30.31
N PHE B 441 18.94 23.85 30.00
CA PHE B 441 20.21 24.26 29.45
C PHE B 441 21.33 23.72 30.31
N GLY B 442 22.26 23.05 29.65
CA GLY B 442 23.50 22.56 30.25
C GLY B 442 23.36 21.32 31.09
N GLU B 443 22.15 20.76 31.14
CA GLU B 443 21.86 19.61 32.03
C GLU B 443 21.90 18.32 31.26
N ASP B 444 22.26 18.43 29.99
CA ASP B 444 22.38 17.26 29.11
C ASP B 444 23.64 17.37 28.23
C1 B3P C . -3.37 4.06 -3.92
C2 B3P C . -2.04 3.72 -3.25
C3 B3P C . -4.53 3.92 -2.93
N1 B3P C . -5.81 4.29 -3.53
C4 B3P C . -6.99 4.55 -2.72
C5 B3P C . -7.09 3.63 -1.50
C6 B3P C . -8.21 4.23 -3.53
C7 B3P C . -7.07 6.00 -2.29
N2 B3P C . -1.00 3.35 -4.21
C8 B3P C . 0.37 3.14 -3.82
C9 B3P C . 0.79 4.22 -2.83
C10 B3P C . 1.28 3.19 -5.05
C11 B3P C . 0.50 1.79 -3.12
O1 B3P C . 0.33 5.51 -3.27
O2 B3P C . 2.58 2.64 -4.76
O3 B3P C . -0.53 0.89 -3.54
O4 B3P C . -6.83 2.28 -1.86
O5 B3P C . -8.50 2.87 -3.23
O6 B3P C . -8.30 6.18 -1.57
#